data_5UWN
#
_entry.id   5UWN
#
_cell.length_a   131.727
_cell.length_b   131.727
_cell.length_c   418.722
_cell.angle_alpha   90.00
_cell.angle_beta   90.00
_cell.angle_gamma   90.00
#
_symmetry.space_group_name_H-M   'I 41 2 2'
#
loop_
_entity.id
_entity.type
_entity.pdbx_description
1 polymer 'Collagenase 3'
2 non-polymer 'ZINC ION'
3 non-polymer 'CALCIUM ION'
4 non-polymer "N-(2-aminoethyl)-4'-(((4-oxo-4,5,6,7-tetrahydro-3H-cyclopenta[d]pyrimidin-2-yl)thio)methyl)-[1,1'-biphenyl]-4-sulfonami de"
5 non-polymer 'SULFATE ION'
#
_entity_poly.entity_id   1
_entity_poly.type   'polypeptide(L)'
_entity_poly.pdbx_seq_one_letter_code
;MYNVFPRTLKWSKMNLTYRIVNYTPDMTHSEVEKAFKKAFKVWSDVTPLNFTRLHDGIADIMISFGIKEHGDFYPFDGPS
GLLAHAFPPGPNYGGDAHFDDDETWTSSSKGYNLFLVAAHEFGHSLGLDHSKDPGALMFPIYTYTGKSHFMLPDDDVQGI
QSLYGPGDEDPN
;
_entity_poly.pdbx_strand_id   A,B,C,D,E
#
# COMPACT_ATOMS: atom_id res chain seq x y z
N ARG A 7 -30.90 10.57 7.71
CA ARG A 7 -31.31 11.28 6.49
C ARG A 7 -30.19 12.13 5.88
N THR A 8 -30.13 12.15 4.56
CA THR A 8 -29.21 12.99 3.81
C THR A 8 -30.01 13.90 2.87
N LEU A 9 -29.28 14.70 2.09
CA LEU A 9 -29.90 15.65 1.18
C LEU A 9 -30.04 15.02 -0.21
N LYS A 10 -31.25 15.05 -0.78
CA LYS A 10 -31.52 14.33 -2.02
C LYS A 10 -32.84 14.77 -2.63
N TRP A 11 -33.06 14.32 -3.87
CA TRP A 11 -34.33 14.54 -4.58
C TRP A 11 -35.39 13.55 -4.10
N SER A 12 -36.62 14.04 -3.88
CA SER A 12 -37.65 13.12 -3.43
C SER A 12 -38.25 12.34 -4.61
N LYS A 13 -38.23 12.92 -5.80
CA LYS A 13 -38.68 12.24 -7.00
C LYS A 13 -37.54 11.57 -7.74
N MET A 14 -37.89 10.55 -8.52
CA MET A 14 -36.94 9.81 -9.31
C MET A 14 -36.96 10.23 -10.78
N ASN A 15 -37.95 11.05 -11.18
CA ASN A 15 -38.09 11.55 -12.54
C ASN A 15 -37.79 13.04 -12.59
N LEU A 16 -36.61 13.37 -13.12
CA LEU A 16 -36.08 14.72 -13.14
C LEU A 16 -36.05 15.25 -14.57
N THR A 17 -36.17 16.58 -14.72
CA THR A 17 -36.12 17.23 -16.02
C THR A 17 -35.02 18.27 -16.02
N TYR A 18 -34.27 18.33 -17.13
CA TYR A 18 -33.28 19.37 -17.34
C TYR A 18 -33.54 20.13 -18.63
N ARG A 19 -33.06 21.36 -18.68
CA ARG A 19 -33.16 22.21 -19.86
C ARG A 19 -31.80 22.83 -20.12
N ILE A 20 -31.37 22.82 -21.39
CA ILE A 20 -30.15 23.53 -21.77
C ILE A 20 -30.56 24.92 -22.21
N VAL A 21 -30.25 25.93 -21.38
CA VAL A 21 -30.77 27.27 -21.59
C VAL A 21 -30.05 27.98 -22.73
N ASN A 22 -28.71 27.97 -22.72
CA ASN A 22 -27.91 28.58 -23.75
C ASN A 22 -26.70 27.70 -24.05
N TYR A 23 -26.11 27.88 -25.23
CA TYR A 23 -25.03 27.00 -25.66
C TYR A 23 -23.72 27.75 -25.78
N THR A 24 -22.61 27.02 -25.50
CA THR A 24 -21.27 27.55 -25.59
C THR A 24 -20.86 27.68 -27.04
N PRO A 25 -20.06 28.69 -27.38
CA PRO A 25 -19.61 28.82 -28.77
C PRO A 25 -18.58 27.79 -29.14
N ASP A 26 -17.98 27.14 -28.14
CA ASP A 26 -16.90 26.22 -28.34
C ASP A 26 -17.34 24.89 -28.97
N MET A 27 -18.65 24.60 -29.03
CA MET A 27 -19.12 23.30 -29.52
C MET A 27 -20.50 23.46 -30.16
N THR A 28 -20.84 22.51 -31.02
CA THR A 28 -22.10 22.62 -31.77
C THR A 28 -23.27 22.23 -30.89
N HIS A 29 -24.48 22.67 -31.26
CA HIS A 29 -25.65 22.34 -30.43
C HIS A 29 -25.69 20.85 -30.18
N SER A 30 -25.47 20.08 -31.23
CA SER A 30 -25.59 18.64 -31.12
C SER A 30 -24.50 18.07 -30.23
N GLU A 31 -23.28 18.58 -30.33
CA GLU A 31 -22.21 18.07 -29.47
C GLU A 31 -22.48 18.39 -28.00
N VAL A 32 -23.05 19.57 -27.72
CA VAL A 32 -23.40 19.91 -26.35
C VAL A 32 -24.48 18.98 -25.83
N GLU A 33 -25.58 18.86 -26.58
CA GLU A 33 -26.71 18.03 -26.17
C GLU A 33 -26.29 16.59 -25.99
N LYS A 34 -25.46 16.07 -26.89
CA LYS A 34 -24.99 14.71 -26.73
C LYS A 34 -24.18 14.59 -25.44
N ALA A 35 -23.39 15.61 -25.12
CA ALA A 35 -22.46 15.53 -24.00
C ALA A 35 -23.19 15.52 -22.67
N PHE A 36 -24.18 16.41 -22.52
CA PHE A 36 -24.98 16.44 -21.30
C PHE A 36 -25.82 15.18 -21.16
N LYS A 37 -26.43 14.70 -22.24
CA LYS A 37 -27.24 13.49 -22.15
C LYS A 37 -26.41 12.30 -21.70
N LYS A 38 -25.22 12.12 -22.27
CA LYS A 38 -24.33 11.07 -21.78
C LYS A 38 -23.97 11.31 -20.31
N ALA A 39 -23.96 12.56 -19.87
CA ALA A 39 -23.59 12.86 -18.49
C ALA A 39 -24.65 12.41 -17.52
N PHE A 40 -25.93 12.67 -17.83
CA PHE A 40 -26.98 12.19 -16.94
C PHE A 40 -27.08 10.67 -16.97
N LYS A 41 -26.83 10.07 -18.14
CA LYS A 41 -26.86 8.62 -18.27
C LYS A 41 -25.90 7.96 -17.28
N VAL A 42 -24.79 8.63 -16.96
CA VAL A 42 -23.83 8.10 -16.00
C VAL A 42 -24.52 7.67 -14.71
N TRP A 43 -25.44 8.49 -14.23
CA TRP A 43 -26.13 8.25 -12.99
C TRP A 43 -27.41 7.44 -13.20
N SER A 44 -28.12 7.65 -14.30
CA SER A 44 -29.33 6.90 -14.56
C SER A 44 -29.04 5.41 -14.67
N ASP A 45 -27.87 5.03 -15.20
CA ASP A 45 -27.54 3.61 -15.38
C ASP A 45 -27.37 2.87 -14.06
N VAL A 46 -27.03 3.57 -12.98
CA VAL A 46 -26.74 2.92 -11.71
C VAL A 46 -27.79 3.24 -10.64
N THR A 47 -28.85 3.97 -11.00
CA THR A 47 -29.87 4.37 -10.03
C THR A 47 -31.26 4.24 -10.67
N PRO A 48 -32.34 4.32 -9.88
CA PRO A 48 -33.68 4.46 -10.46
C PRO A 48 -33.95 5.80 -11.12
N LEU A 49 -33.00 6.73 -11.10
CA LEU A 49 -33.23 8.05 -11.66
C LEU A 49 -33.47 7.99 -13.16
N ASN A 50 -34.30 8.93 -13.63
CA ASN A 50 -34.60 9.13 -15.04
C ASN A 50 -34.56 10.61 -15.37
N PHE A 51 -34.01 10.95 -16.53
CA PHE A 51 -33.83 12.35 -16.89
C PHE A 51 -34.42 12.63 -18.27
N THR A 52 -35.28 13.64 -18.37
CA THR A 52 -35.83 14.03 -19.67
C THR A 52 -35.62 15.53 -19.89
N ARG A 53 -35.33 15.89 -21.14
CA ARG A 53 -34.92 17.26 -21.47
C ARG A 53 -36.13 18.09 -21.88
N LEU A 54 -36.22 19.30 -21.36
CA LEU A 54 -37.27 20.23 -21.75
C LEU A 54 -36.68 21.30 -22.65
N HIS A 55 -37.42 21.66 -23.70
CA HIS A 55 -37.02 22.74 -24.59
C HIS A 55 -37.44 24.12 -24.09
N ASP A 56 -38.39 24.19 -23.15
CA ASP A 56 -38.87 25.47 -22.68
C ASP A 56 -39.23 25.36 -21.21
N GLY A 57 -39.48 26.52 -20.59
CA GLY A 57 -40.03 26.43 -19.25
C GLY A 57 -39.01 26.01 -18.20
N ILE A 58 -39.53 25.78 -16.98
CA ILE A 58 -38.66 25.50 -15.83
C ILE A 58 -38.49 24.01 -15.66
N ALA A 59 -37.24 23.57 -15.52
CA ALA A 59 -36.92 22.18 -15.31
C ALA A 59 -36.18 22.07 -14.00
N ASP A 60 -36.07 20.84 -13.52
CA ASP A 60 -35.46 20.63 -12.21
C ASP A 60 -34.01 21.10 -12.20
N ILE A 61 -33.21 20.60 -13.13
CA ILE A 61 -31.82 20.95 -13.28
C ILE A 61 -31.72 21.87 -14.48
N MET A 62 -31.49 23.15 -14.25
CA MET A 62 -31.39 24.11 -15.34
C MET A 62 -29.94 24.47 -15.61
N ILE A 63 -29.47 24.13 -16.81
CA ILE A 63 -28.06 24.23 -17.21
C ILE A 63 -27.90 25.47 -18.05
N SER A 64 -26.88 26.26 -17.77
CA SER A 64 -26.59 27.45 -18.57
C SER A 64 -25.09 27.72 -18.54
N PHE A 65 -24.60 28.35 -19.62
CA PHE A 65 -23.23 28.86 -19.73
C PHE A 65 -23.23 30.36 -19.42
N GLY A 66 -22.17 30.83 -18.77
CA GLY A 66 -22.08 32.25 -18.47
C GLY A 66 -20.72 32.61 -17.95
N ILE A 67 -20.51 33.93 -17.82
CA ILE A 67 -19.19 34.44 -17.44
C ILE A 67 -19.37 35.46 -16.33
N LYS A 68 -18.26 35.70 -15.61
CA LYS A 68 -18.16 36.65 -14.51
C LYS A 68 -19.34 36.61 -13.56
N GLU A 69 -19.97 37.74 -13.37
CA GLU A 69 -21.11 37.86 -12.48
C GLU A 69 -22.33 37.45 -13.31
N HIS A 70 -22.93 36.31 -12.98
CA HIS A 70 -23.99 35.76 -13.84
C HIS A 70 -25.34 35.56 -13.14
N GLY A 71 -25.52 36.07 -11.94
CA GLY A 71 -26.80 36.06 -11.28
C GLY A 71 -26.95 35.15 -10.07
N ASP A 72 -25.85 34.74 -9.44
CA ASP A 72 -25.86 34.03 -8.17
C ASP A 72 -24.65 34.50 -7.36
N PHE A 73 -24.58 34.12 -6.11
CA PHE A 73 -23.50 34.61 -5.27
C PHE A 73 -22.12 34.07 -5.63
N TYR A 74 -21.98 33.21 -6.64
CA TYR A 74 -20.73 32.51 -6.94
C TYR A 74 -20.21 32.86 -8.33
N PRO A 75 -19.67 34.07 -8.52
CA PRO A 75 -19.36 34.51 -9.89
C PRO A 75 -18.13 33.81 -10.41
N PHE A 76 -18.06 33.68 -11.72
CA PHE A 76 -16.87 33.14 -12.32
C PHE A 76 -15.82 34.25 -12.46
N ASP A 77 -14.62 33.81 -12.87
CA ASP A 77 -13.41 34.63 -12.86
C ASP A 77 -12.73 34.76 -14.21
N GLY A 78 -13.37 34.39 -15.29
CA GLY A 78 -12.68 34.37 -16.56
C GLY A 78 -11.74 33.19 -16.77
N PRO A 79 -10.87 33.27 -17.77
CA PRO A 79 -10.08 32.11 -18.18
C PRO A 79 -9.18 31.57 -17.09
N SER A 80 -9.09 30.23 -17.07
CA SER A 80 -8.52 29.45 -15.96
C SER A 80 -9.33 29.68 -14.68
N GLY A 81 -8.70 29.41 -13.54
CA GLY A 81 -9.41 29.46 -12.27
C GLY A 81 -10.56 28.50 -12.21
N LEU A 82 -11.70 29.00 -11.72
CA LEU A 82 -12.91 28.22 -11.56
C LEU A 82 -13.50 27.80 -12.90
N LEU A 83 -14.23 26.69 -12.91
CA LEU A 83 -14.71 26.30 -14.23
C LEU A 83 -16.20 25.97 -14.30
N ALA A 84 -16.75 25.31 -13.29
CA ALA A 84 -18.19 25.07 -13.23
C ALA A 84 -18.61 24.94 -11.78
N HIS A 85 -19.91 25.10 -11.54
CA HIS A 85 -20.49 24.76 -10.24
C HIS A 85 -21.95 24.40 -10.43
N ALA A 86 -22.48 23.65 -9.47
CA ALA A 86 -23.84 23.17 -9.50
C ALA A 86 -24.41 23.16 -8.10
N PHE A 87 -25.76 23.37 -7.99
CA PHE A 87 -26.27 23.47 -6.63
C PHE A 87 -26.84 22.13 -6.16
N PRO A 88 -26.82 21.86 -4.85
CA PRO A 88 -27.45 20.61 -4.34
C PRO A 88 -28.95 20.66 -4.49
N PRO A 89 -29.65 19.51 -4.34
CA PRO A 89 -31.09 19.45 -4.61
C PRO A 89 -31.92 20.41 -3.75
N GLY A 90 -33.00 20.92 -4.34
CA GLY A 90 -33.81 21.96 -3.75
C GLY A 90 -34.62 22.71 -4.79
N PRO A 91 -35.41 23.69 -4.36
CA PRO A 91 -36.21 24.49 -5.31
C PRO A 91 -35.43 25.64 -5.94
N ASN A 92 -35.91 26.07 -7.12
CA ASN A 92 -35.35 27.22 -7.84
C ASN A 92 -33.90 26.92 -8.14
N TYR A 93 -32.95 27.69 -7.64
CA TYR A 93 -31.54 27.44 -7.91
C TYR A 93 -31.12 26.02 -7.58
N GLY A 94 -31.85 25.33 -6.70
CA GLY A 94 -31.50 23.98 -6.30
C GLY A 94 -31.31 23.09 -7.50
N GLY A 95 -30.21 22.35 -7.52
CA GLY A 95 -29.94 21.41 -8.59
C GLY A 95 -29.32 21.96 -9.86
N ASP A 96 -29.37 23.27 -10.10
CA ASP A 96 -28.88 23.90 -11.34
C ASP A 96 -27.36 23.78 -11.50
N ALA A 97 -26.88 23.88 -12.74
CA ALA A 97 -25.47 23.75 -13.08
C ALA A 97 -25.01 24.90 -13.96
N HIS A 98 -23.88 25.52 -13.61
CA HIS A 98 -23.33 26.65 -14.34
C HIS A 98 -21.92 26.34 -14.83
N PHE A 99 -21.64 26.66 -16.08
CA PHE A 99 -20.33 26.38 -16.65
C PHE A 99 -19.72 27.72 -17.08
N ASP A 100 -18.45 27.95 -16.71
CA ASP A 100 -17.75 29.22 -17.03
C ASP A 100 -17.39 29.26 -18.51
N ASP A 101 -17.91 30.23 -19.24
CA ASP A 101 -17.77 30.20 -20.68
C ASP A 101 -16.56 31.00 -21.18
N ASP A 102 -15.74 31.47 -20.24
CA ASP A 102 -14.39 31.91 -20.54
C ASP A 102 -13.41 30.75 -20.55
N GLU A 103 -13.87 29.55 -20.21
CA GLU A 103 -13.10 28.33 -20.42
C GLU A 103 -13.25 27.85 -21.85
N THR A 104 -12.55 26.78 -22.15
CA THR A 104 -12.64 26.14 -23.45
C THR A 104 -13.23 24.75 -23.24
N TRP A 105 -14.43 24.55 -23.77
CA TRP A 105 -15.16 23.30 -23.63
C TRP A 105 -14.98 22.49 -24.89
N THR A 106 -14.67 21.21 -24.72
CA THR A 106 -14.40 20.33 -25.84
C THR A 106 -15.01 18.97 -25.57
N SER A 107 -15.11 18.19 -26.64
CA SER A 107 -15.40 16.77 -26.55
C SER A 107 -14.13 15.91 -26.70
N SER A 108 -12.94 16.52 -26.67
CA SER A 108 -11.69 15.79 -26.88
C SER A 108 -10.72 15.84 -25.70
N SER A 109 -9.42 15.90 -26.02
CA SER A 109 -8.31 15.89 -25.07
C SER A 109 -7.99 17.30 -24.63
N LYS A 110 -8.38 18.27 -25.44
CA LYS A 110 -8.10 19.69 -25.31
C LYS A 110 -9.02 20.32 -24.29
N GLY A 111 -8.50 21.30 -23.56
CA GLY A 111 -9.29 22.06 -22.62
C GLY A 111 -10.03 21.22 -21.59
N TYR A 112 -11.22 21.66 -21.22
CA TYR A 112 -12.06 20.87 -20.34
C TYR A 112 -13.08 20.07 -21.14
N ASN A 113 -13.10 18.76 -20.94
CA ASN A 113 -14.03 17.90 -21.62
C ASN A 113 -15.44 18.08 -21.01
N LEU A 114 -16.38 18.61 -21.80
CA LEU A 114 -17.65 19.05 -21.25
C LEU A 114 -18.43 17.90 -20.63
N PHE A 115 -18.39 16.72 -21.23
CA PHE A 115 -19.03 15.54 -20.65
C PHE A 115 -18.53 15.24 -19.24
N LEU A 116 -17.21 15.06 -19.10
CA LEU A 116 -16.65 14.71 -17.79
C LEU A 116 -17.02 15.74 -16.73
N VAL A 117 -16.86 17.02 -17.06
CA VAL A 117 -17.18 18.06 -16.10
C VAL A 117 -18.67 18.08 -15.78
N ALA A 118 -19.52 17.78 -16.77
CA ALA A 118 -20.96 17.72 -16.50
C ALA A 118 -21.30 16.55 -15.58
N ALA A 119 -20.77 15.36 -15.87
CA ALA A 119 -20.98 14.23 -14.98
C ALA A 119 -20.58 14.57 -13.55
N HIS A 120 -19.41 15.19 -13.37
CA HIS A 120 -18.99 15.68 -12.06
C HIS A 120 -20.03 16.63 -11.50
N GLU A 121 -20.34 17.69 -12.24
CA GLU A 121 -21.21 18.72 -11.71
C GLU A 121 -22.60 18.19 -11.43
N PHE A 122 -23.10 17.27 -12.27
CA PHE A 122 -24.41 16.67 -12.03
C PHE A 122 -24.43 15.79 -10.78
N GLY A 123 -23.30 15.15 -10.44
CA GLY A 123 -23.20 14.49 -9.14
C GLY A 123 -23.53 15.42 -7.99
N HIS A 124 -23.02 16.66 -8.04
CA HIS A 124 -23.39 17.64 -7.04
C HIS A 124 -24.87 17.98 -7.09
N SER A 125 -25.43 18.03 -8.31
CA SER A 125 -26.85 18.34 -8.47
C SER A 125 -27.75 17.32 -7.82
N LEU A 126 -27.28 16.08 -7.70
CA LEU A 126 -28.09 15.02 -7.12
C LEU A 126 -27.86 14.87 -5.62
N GLY A 127 -26.90 15.60 -5.05
CA GLY A 127 -26.63 15.55 -3.63
C GLY A 127 -25.31 14.90 -3.24
N LEU A 128 -24.39 14.66 -4.18
CA LEU A 128 -23.08 14.16 -3.83
C LEU A 128 -22.09 15.27 -3.52
N ASP A 129 -21.20 14.98 -2.56
CA ASP A 129 -20.08 15.84 -2.22
C ASP A 129 -18.83 15.31 -2.91
N HIS A 130 -17.72 16.00 -2.73
CA HIS A 130 -16.47 15.62 -3.37
C HIS A 130 -15.86 14.40 -2.68
N SER A 131 -15.11 13.63 -3.46
CA SER A 131 -14.53 12.37 -3.02
C SER A 131 -13.08 12.52 -2.59
N LYS A 132 -12.65 11.61 -1.73
CA LYS A 132 -11.26 11.57 -1.31
C LYS A 132 -10.43 10.66 -2.20
N ASP A 133 -11.07 9.88 -3.07
CA ASP A 133 -10.38 8.95 -3.96
C ASP A 133 -9.96 9.66 -5.24
N PRO A 134 -8.66 9.82 -5.52
CA PRO A 134 -8.25 10.52 -6.75
C PRO A 134 -8.76 9.85 -8.03
N GLY A 135 -9.21 8.59 -7.97
CA GLY A 135 -9.76 7.88 -9.10
C GLY A 135 -11.25 8.00 -9.27
N ALA A 136 -11.94 8.67 -8.35
CA ALA A 136 -13.37 8.90 -8.47
C ALA A 136 -13.68 9.99 -9.50
N LEU A 137 -14.92 9.99 -9.98
CA LEU A 137 -15.38 11.10 -10.79
C LEU A 137 -15.60 12.34 -9.93
N MET A 138 -15.97 12.15 -8.65
CA MET A 138 -16.27 13.22 -7.71
C MET A 138 -15.05 13.75 -6.95
N PHE A 139 -13.84 13.43 -7.40
CA PHE A 139 -12.62 14.02 -6.85
C PHE A 139 -12.48 15.46 -7.34
N PRO A 140 -12.07 16.39 -6.47
CA PRO A 140 -12.12 17.83 -6.83
C PRO A 140 -11.09 18.28 -7.86
N ILE A 141 -10.25 17.41 -8.42
CA ILE A 141 -9.24 17.80 -9.40
C ILE A 141 -9.60 17.17 -10.75
N TYR A 142 -9.68 18.01 -11.79
CA TYR A 142 -9.96 17.52 -13.13
C TYR A 142 -8.70 16.89 -13.72
N THR A 143 -8.85 15.72 -14.32
CA THR A 143 -7.84 15.08 -15.14
C THR A 143 -8.56 14.42 -16.30
N TYR A 144 -7.81 14.15 -17.35
CA TYR A 144 -8.39 13.52 -18.52
C TYR A 144 -7.54 12.30 -18.83
N THR A 145 -8.14 11.13 -18.62
CA THR A 145 -7.46 9.85 -18.78
C THR A 145 -7.46 9.24 -20.17
N GLY A 146 -8.27 9.77 -21.07
CA GLY A 146 -8.32 9.24 -22.40
C GLY A 146 -8.64 7.76 -22.44
N LYS A 147 -9.58 7.33 -21.60
CA LYS A 147 -9.98 5.94 -21.56
C LYS A 147 -10.72 5.62 -22.84
N SER A 148 -10.65 4.37 -23.29
CA SER A 148 -11.29 3.98 -24.53
C SER A 148 -12.79 4.23 -24.43
N HIS A 149 -13.38 3.82 -23.32
CA HIS A 149 -14.79 4.07 -23.08
C HIS A 149 -14.90 4.35 -21.61
N PHE A 150 -15.92 5.10 -21.25
CA PHE A 150 -16.06 5.49 -19.86
C PHE A 150 -16.88 4.57 -19.00
N MET A 151 -16.25 4.12 -17.91
CA MET A 151 -16.94 3.33 -16.90
C MET A 151 -16.91 4.10 -15.59
N LEU A 152 -18.10 4.29 -15.00
CA LEU A 152 -18.23 5.08 -13.77
C LEU A 152 -17.55 4.37 -12.62
N PRO A 153 -16.49 4.95 -12.04
CA PRO A 153 -15.71 4.22 -11.03
C PRO A 153 -16.50 3.85 -9.80
N ASP A 154 -16.00 2.84 -9.09
CA ASP A 154 -16.79 2.20 -8.04
C ASP A 154 -17.06 3.12 -6.85
N ASP A 155 -16.16 4.04 -6.55
CA ASP A 155 -16.40 4.90 -5.39
C ASP A 155 -17.69 5.71 -5.58
N ASP A 156 -17.95 6.13 -6.81
CA ASP A 156 -19.10 6.99 -7.09
C ASP A 156 -20.39 6.21 -7.26
N VAL A 157 -20.33 5.00 -7.84
CA VAL A 157 -21.54 4.18 -7.90
C VAL A 157 -22.00 3.85 -6.49
N GLN A 158 -21.05 3.62 -5.57
CA GLN A 158 -21.42 3.39 -4.18
C GLN A 158 -22.08 4.63 -3.58
N GLY A 159 -21.52 5.81 -3.88
CA GLY A 159 -22.03 7.04 -3.27
C GLY A 159 -23.41 7.41 -3.75
N ILE A 160 -23.63 7.36 -5.07
CA ILE A 160 -24.95 7.75 -5.58
C ILE A 160 -25.99 6.71 -5.18
N GLN A 161 -25.59 5.44 -5.08
CA GLN A 161 -26.55 4.42 -4.69
C GLN A 161 -26.94 4.56 -3.23
N SER A 162 -26.02 5.04 -2.38
CA SER A 162 -26.38 5.30 -1.00
C SER A 162 -27.54 6.27 -0.92
N LEU A 163 -27.70 7.12 -1.92
CA LEU A 163 -28.81 8.04 -1.93
C LEU A 163 -30.09 7.47 -2.56
N TYR A 164 -29.96 6.76 -3.69
CA TYR A 164 -31.11 6.33 -4.48
C TYR A 164 -31.26 4.82 -4.68
N GLY A 165 -30.23 4.04 -4.38
CA GLY A 165 -30.31 2.61 -4.57
C GLY A 165 -30.09 2.22 -6.01
N PRO A 166 -29.95 0.91 -6.23
CA PRO A 166 -29.73 0.37 -7.57
C PRO A 166 -30.96 0.40 -8.45
N GLY A 167 -30.76 0.38 -9.76
CA GLY A 167 -31.87 0.39 -10.70
C GLY A 167 -32.47 -0.98 -10.88
N TYR B 2 11.98 7.23 -2.46
CA TYR B 2 11.65 7.25 -1.04
C TYR B 2 10.84 8.49 -0.70
N ASN B 3 9.52 8.44 -0.89
CA ASN B 3 8.71 9.60 -0.57
C ASN B 3 8.81 9.86 0.94
N VAL B 4 8.67 8.79 1.71
CA VAL B 4 8.81 8.84 3.15
C VAL B 4 9.23 7.44 3.57
N PHE B 5 10.17 7.32 4.49
CA PHE B 5 10.61 6.00 4.90
C PHE B 5 9.44 5.26 5.54
N PRO B 6 9.25 3.99 5.19
CA PRO B 6 10.09 3.29 4.21
C PRO B 6 9.49 3.13 2.81
N ARG B 7 8.33 3.73 2.55
CA ARG B 7 7.69 3.59 1.24
C ARG B 7 8.47 4.27 0.12
N THR B 8 8.62 3.59 -1.02
CA THR B 8 9.35 4.20 -2.13
C THR B 8 8.43 5.05 -3.00
N LEU B 9 9.03 6.04 -3.69
CA LEU B 9 8.29 6.90 -4.62
C LEU B 9 7.99 6.14 -5.90
N LYS B 10 6.71 6.12 -6.30
CA LYS B 10 6.27 5.38 -7.47
C LYS B 10 4.92 5.97 -7.86
N TRP B 11 4.44 5.62 -9.04
CA TRP B 11 3.10 6.03 -9.44
C TRP B 11 2.07 5.12 -8.77
N SER B 12 1.01 5.71 -8.26
CA SER B 12 -0.04 4.91 -7.63
C SER B 12 -1.04 4.35 -8.65
N LYS B 13 -1.27 5.04 -9.76
CA LYS B 13 -2.13 4.57 -10.84
C LYS B 13 -1.29 3.79 -11.82
N MET B 14 -1.90 2.86 -12.54
CA MET B 14 -1.18 2.08 -13.52
C MET B 14 -1.42 2.51 -14.97
N ASN B 15 -2.36 3.37 -15.22
CA ASN B 15 -2.63 3.85 -16.58
C ASN B 15 -2.18 5.30 -16.66
N LEU B 16 -1.07 5.53 -17.34
CA LEU B 16 -0.49 6.86 -17.43
C LEU B 16 -0.72 7.42 -18.83
N THR B 17 -0.73 8.75 -18.93
CA THR B 17 -0.92 9.43 -20.19
C THR B 17 0.30 10.28 -20.52
N TYR B 18 0.74 10.23 -21.77
CA TYR B 18 1.78 11.14 -22.22
C TYR B 18 1.34 11.94 -23.43
N ARG B 19 1.98 13.08 -23.61
CA ARG B 19 1.72 13.94 -24.76
C ARG B 19 3.05 14.39 -25.35
N ILE B 20 3.17 14.37 -26.67
CA ILE B 20 4.32 14.98 -27.34
C ILE B 20 3.93 16.41 -27.65
N VAL B 21 4.55 17.35 -26.93
CA VAL B 21 4.17 18.75 -27.00
C VAL B 21 4.73 19.41 -28.26
N ASN B 22 6.01 19.22 -28.55
CA ASN B 22 6.56 19.73 -29.79
C ASN B 22 7.63 18.76 -30.28
N TYR B 23 7.97 18.86 -31.56
CA TYR B 23 8.90 17.93 -32.20
C TYR B 23 10.20 18.62 -32.62
N THR B 24 11.31 17.85 -32.58
CA THR B 24 12.64 18.29 -32.99
C THR B 24 12.77 18.31 -34.49
N PRO B 25 13.62 19.20 -35.04
CA PRO B 25 13.79 19.23 -36.49
C PRO B 25 14.59 18.07 -37.03
N ASP B 26 15.34 17.34 -36.19
CA ASP B 26 16.30 16.36 -36.70
C ASP B 26 15.64 15.13 -37.33
N MET B 27 14.35 14.88 -37.08
CA MET B 27 13.66 13.74 -37.66
C MET B 27 12.17 14.05 -37.76
N THR B 28 11.47 13.34 -38.64
CA THR B 28 10.08 13.71 -38.89
C THR B 28 9.15 13.09 -37.84
N HIS B 29 7.91 13.60 -37.79
CA HIS B 29 6.97 13.26 -36.71
C HIS B 29 6.88 11.76 -36.49
N SER B 30 6.78 10.98 -37.56
CA SER B 30 6.56 9.54 -37.36
C SER B 30 7.74 8.88 -36.69
N GLU B 31 8.96 9.32 -37.01
CA GLU B 31 10.13 8.76 -36.35
C GLU B 31 10.16 9.13 -34.88
N VAL B 32 9.77 10.36 -34.54
CA VAL B 32 9.75 10.76 -33.14
C VAL B 32 8.72 9.95 -32.37
N GLU B 33 7.49 9.90 -32.87
CA GLU B 33 6.41 9.17 -32.23
C GLU B 33 6.74 7.69 -32.08
N LYS B 34 7.24 7.09 -33.15
CA LYS B 34 7.64 5.68 -33.10
C LYS B 34 8.66 5.46 -31.99
N ALA B 35 9.61 6.38 -31.84
CA ALA B 35 10.69 6.22 -30.87
C ALA B 35 10.18 6.30 -29.44
N PHE B 36 9.30 7.27 -29.15
CA PHE B 36 8.73 7.38 -27.81
C PHE B 36 7.82 6.19 -27.48
N LYS B 37 6.96 5.81 -28.43
CA LYS B 37 6.08 4.66 -28.21
C LYS B 37 6.89 3.42 -27.90
N LYS B 38 7.92 3.16 -28.70
CA LYS B 38 8.82 2.04 -28.42
C LYS B 38 9.53 2.24 -27.08
N ALA B 39 9.78 3.49 -26.69
CA ALA B 39 10.47 3.73 -25.42
C ALA B 39 9.60 3.36 -24.23
N PHE B 40 8.31 3.75 -24.25
CA PHE B 40 7.42 3.35 -23.17
C PHE B 40 7.15 1.86 -23.19
N LYS B 41 7.00 1.28 -24.38
CA LYS B 41 6.74 -0.16 -24.48
C LYS B 41 7.84 -0.99 -23.81
N VAL B 42 9.06 -0.49 -23.78
CA VAL B 42 10.14 -1.18 -23.08
C VAL B 42 9.70 -1.54 -21.66
N TRP B 43 9.04 -0.60 -20.98
CA TRP B 43 8.61 -0.72 -19.60
C TRP B 43 7.25 -1.37 -19.44
N SER B 44 6.34 -1.16 -20.41
CA SER B 44 5.05 -1.84 -20.40
C SER B 44 5.20 -3.35 -20.47
N ASP B 45 6.17 -3.80 -21.24
CA ASP B 45 6.31 -5.23 -21.49
C ASP B 45 6.69 -6.02 -20.25
N VAL B 46 7.30 -5.40 -19.24
CA VAL B 46 7.70 -6.11 -18.04
C VAL B 46 6.93 -5.67 -16.79
N THR B 47 5.91 -4.82 -16.94
CA THR B 47 5.15 -4.35 -15.79
C THR B 47 3.65 -4.29 -16.09
N PRO B 48 2.82 -4.10 -15.06
CA PRO B 48 1.40 -3.81 -15.30
C PRO B 48 1.12 -2.46 -15.94
N LEU B 49 2.12 -1.60 -16.11
CA LEU B 49 1.94 -0.24 -16.60
C LEU B 49 1.40 -0.19 -18.02
N ASN B 50 0.57 0.81 -18.28
CA ASN B 50 0.08 1.06 -19.63
C ASN B 50 0.13 2.55 -19.93
N PHE B 51 0.51 2.88 -21.16
CA PHE B 51 0.77 4.25 -21.55
C PHE B 51 -0.09 4.60 -22.75
N THR B 52 -0.78 5.74 -22.66
CA THR B 52 -1.72 6.23 -23.66
C THR B 52 -1.31 7.63 -24.07
N ARG B 53 -1.35 7.91 -25.38
CA ARG B 53 -0.89 9.19 -25.91
C ARG B 53 -2.07 10.14 -26.08
N LEU B 54 -1.91 11.36 -25.62
CA LEU B 54 -2.90 12.41 -25.79
C LEU B 54 -2.39 13.42 -26.80
N HIS B 55 -3.28 13.89 -27.66
CA HIS B 55 -2.90 14.90 -28.63
C HIS B 55 -2.98 16.30 -28.07
N ASP B 56 -3.72 16.51 -26.98
CA ASP B 56 -3.88 17.83 -26.41
C ASP B 56 -4.00 17.71 -24.90
N GLY B 57 -3.98 18.86 -24.24
CA GLY B 57 -4.22 18.88 -22.81
C GLY B 57 -3.04 18.40 -22.03
N ILE B 58 -3.22 18.41 -20.71
CA ILE B 58 -2.18 18.10 -19.72
C ILE B 58 -2.24 16.63 -19.33
N ALA B 59 -1.15 15.92 -19.54
CA ALA B 59 -1.02 14.48 -19.34
C ALA B 59 0.04 14.20 -18.29
N ASP B 60 0.10 12.95 -17.85
CA ASP B 60 1.03 12.61 -16.77
C ASP B 60 2.47 12.89 -17.19
N ILE B 61 2.88 12.38 -18.34
CA ILE B 61 4.21 12.56 -18.87
C ILE B 61 4.10 13.61 -19.97
N MET B 62 4.66 14.79 -19.73
CA MET B 62 4.65 15.87 -20.71
C MET B 62 6.02 15.95 -21.36
N ILE B 63 6.10 15.59 -22.65
CA ILE B 63 7.38 15.48 -23.37
C ILE B 63 7.55 16.69 -24.27
N SER B 64 8.71 17.33 -24.22
CA SER B 64 8.97 18.45 -25.11
C SER B 64 10.47 18.58 -25.40
N PHE B 65 10.78 19.18 -26.56
CA PHE B 65 12.13 19.59 -26.92
C PHE B 65 12.31 21.09 -26.69
N GLY B 66 13.48 21.48 -26.24
CA GLY B 66 13.73 22.90 -26.05
C GLY B 66 15.19 23.11 -25.76
N ILE B 67 15.59 24.39 -25.76
CA ILE B 67 17.00 24.75 -25.64
C ILE B 67 17.20 25.79 -24.56
N LYS B 68 18.43 25.80 -24.05
CA LYS B 68 18.86 26.71 -22.99
C LYS B 68 17.83 26.75 -21.87
N GLU B 69 17.36 27.95 -21.54
CA GLU B 69 16.37 28.17 -20.49
C GLU B 69 15.01 27.93 -21.12
N HIS B 70 14.31 26.87 -20.70
CA HIS B 70 13.08 26.44 -21.36
C HIS B 70 11.84 26.41 -20.47
N GLY B 71 11.90 26.98 -19.28
CA GLY B 71 10.72 27.12 -18.44
C GLY B 71 10.67 26.29 -17.17
N ASP B 72 11.78 25.79 -16.69
CA ASP B 72 11.89 25.15 -15.39
C ASP B 72 13.17 25.76 -14.85
N PHE B 73 13.72 25.26 -13.77
CA PHE B 73 14.95 25.85 -13.29
C PHE B 73 16.13 24.90 -13.49
N TYR B 74 16.18 24.25 -14.65
CA TYR B 74 17.27 23.36 -15.05
C TYR B 74 17.59 23.57 -16.52
N PRO B 75 18.30 24.65 -16.86
CA PRO B 75 18.46 25.01 -18.26
C PRO B 75 19.41 24.07 -18.96
N PHE B 76 19.26 23.97 -20.26
CA PHE B 76 20.21 23.21 -21.05
C PHE B 76 21.42 24.06 -21.45
N ASP B 77 22.41 23.41 -22.06
CA ASP B 77 23.72 24.00 -22.21
C ASP B 77 24.17 24.13 -23.66
N GLY B 78 23.27 24.08 -24.63
CA GLY B 78 23.72 24.15 -25.99
C GLY B 78 24.33 22.84 -26.44
N PRO B 79 25.14 22.88 -27.50
CA PRO B 79 25.67 21.63 -28.05
C PRO B 79 26.56 20.93 -27.04
N SER B 80 26.49 19.61 -27.06
CA SER B 80 27.16 18.75 -26.10
C SER B 80 26.70 19.02 -24.65
N GLY B 81 27.48 18.57 -23.67
CA GLY B 81 27.03 18.63 -22.29
C GLY B 81 25.79 17.79 -22.03
N LEU B 82 24.80 18.42 -21.40
CA LEU B 82 23.54 17.80 -20.98
C LEU B 82 22.73 17.39 -22.20
N LEU B 83 21.89 16.39 -22.03
CA LEU B 83 21.14 15.84 -23.16
C LEU B 83 19.65 15.87 -22.92
N ALA B 84 19.21 15.36 -21.78
CA ALA B 84 17.82 15.28 -21.38
C ALA B 84 17.76 15.25 -19.87
N HIS B 85 16.56 15.50 -19.35
CA HIS B 85 16.25 15.23 -17.95
C HIS B 85 14.76 14.98 -17.83
N ALA B 86 14.39 14.28 -16.76
CA ALA B 86 13.00 13.94 -16.55
C ALA B 86 12.72 13.96 -15.07
N PHE B 87 11.48 14.30 -14.70
CA PHE B 87 11.22 14.48 -13.28
C PHE B 87 10.63 13.20 -12.68
N PRO B 88 10.89 12.96 -11.41
CA PRO B 88 10.40 11.75 -10.75
C PRO B 88 8.88 11.76 -10.64
N PRO B 89 8.26 10.62 -10.28
CA PRO B 89 6.80 10.58 -10.25
C PRO B 89 6.25 11.66 -9.35
N GLY B 90 5.10 12.18 -9.74
CA GLY B 90 4.49 13.26 -9.01
C GLY B 90 3.57 14.08 -9.87
N PRO B 91 2.91 15.03 -9.25
CA PRO B 91 2.04 15.96 -9.99
C PRO B 91 2.85 17.09 -10.60
N ASN B 92 2.25 17.71 -11.62
CA ASN B 92 2.82 18.84 -12.35
C ASN B 92 4.04 18.45 -13.15
N TYR B 93 5.15 19.15 -12.91
CA TYR B 93 6.39 18.87 -13.62
C TYR B 93 6.82 17.42 -13.45
N GLY B 94 6.31 16.73 -12.42
CA GLY B 94 6.60 15.34 -12.15
C GLY B 94 6.32 14.45 -13.33
N GLY B 95 7.30 13.60 -13.66
CA GLY B 95 7.21 12.66 -14.75
C GLY B 95 7.55 13.21 -16.11
N ASP B 96 7.57 14.53 -16.29
CA ASP B 96 7.83 15.12 -17.58
C ASP B 96 9.26 14.82 -17.99
N ALA B 97 9.52 14.82 -19.29
CA ALA B 97 10.84 14.57 -19.84
C ALA B 97 11.15 15.66 -20.85
N HIS B 98 12.34 16.24 -20.75
CA HIS B 98 12.75 17.35 -21.61
C HIS B 98 14.01 16.99 -22.39
N PHE B 99 14.01 17.25 -23.70
CA PHE B 99 15.16 16.89 -24.52
C PHE B 99 15.81 18.14 -25.10
N ASP B 100 17.12 18.24 -24.92
CA ASP B 100 17.89 19.40 -25.36
C ASP B 100 17.96 19.38 -26.87
N ASP B 101 17.41 20.41 -27.49
CA ASP B 101 17.27 20.37 -28.93
C ASP B 101 18.45 21.04 -29.63
N ASP B 102 19.47 21.44 -28.87
CA ASP B 102 20.76 21.75 -29.43
C ASP B 102 21.61 20.50 -29.63
N GLU B 103 21.17 19.36 -29.12
CA GLU B 103 21.78 18.09 -29.47
C GLU B 103 21.25 17.64 -30.83
N THR B 104 21.80 16.54 -31.33
CA THR B 104 21.33 15.97 -32.59
C THR B 104 20.70 14.61 -32.33
N TRP B 105 19.40 14.52 -32.54
CA TRP B 105 18.64 13.31 -32.24
C TRP B 105 18.46 12.52 -33.54
N THR B 106 18.73 11.21 -33.47
CA THR B 106 18.69 10.36 -34.65
C THR B 106 17.99 9.04 -34.33
N SER B 107 17.60 8.31 -35.38
CA SER B 107 17.11 6.94 -35.24
C SER B 107 18.20 5.90 -35.49
N SER B 108 19.41 6.40 -35.69
CA SER B 108 20.59 5.60 -35.97
C SER B 108 21.70 5.98 -35.00
N SER B 109 22.82 5.29 -35.14
CA SER B 109 24.01 5.47 -34.31
C SER B 109 24.75 6.78 -34.45
N LYS B 110 24.44 7.54 -35.48
CA LYS B 110 25.17 8.79 -35.73
C LYS B 110 25.16 9.88 -34.66
N GLY B 111 24.02 10.12 -34.02
CA GLY B 111 23.98 11.16 -33.00
C GLY B 111 23.56 10.58 -31.68
N TYR B 112 22.48 11.11 -31.13
CA TYR B 112 21.95 10.59 -29.87
C TYR B 112 20.71 9.86 -30.31
N ASN B 113 20.64 8.59 -29.99
CA ASN B 113 19.51 7.77 -30.41
C ASN B 113 18.31 8.13 -29.54
N LEU B 114 17.26 8.70 -30.15
CA LEU B 114 16.19 9.24 -29.33
C LEU B 114 15.51 8.15 -28.54
N PHE B 115 15.33 6.99 -29.17
CA PHE B 115 14.72 5.87 -28.46
C PHE B 115 15.45 5.56 -27.18
N LEU B 116 16.77 5.33 -27.25
CA LEU B 116 17.50 4.95 -26.06
C LEU B 116 17.39 6.01 -24.97
N VAL B 117 17.60 7.27 -25.32
CA VAL B 117 17.61 8.30 -24.30
C VAL B 117 16.22 8.43 -23.69
N ALA B 118 15.18 8.33 -24.52
CA ALA B 118 13.82 8.38 -23.98
C ALA B 118 13.55 7.18 -23.08
N ALA B 119 13.93 5.98 -23.54
CA ALA B 119 13.79 4.82 -22.67
C ALA B 119 14.44 5.06 -21.31
N HIS B 120 15.70 5.53 -21.30
CA HIS B 120 16.36 5.89 -20.04
C HIS B 120 15.54 6.92 -19.27
N GLU B 121 15.21 8.04 -19.92
CA GLU B 121 14.59 9.14 -19.21
C GLU B 121 13.21 8.75 -18.67
N PHE B 122 12.44 7.95 -19.43
CA PHE B 122 11.15 7.49 -18.91
C PHE B 122 11.34 6.59 -17.73
N GLY B 123 12.44 5.83 -17.68
CA GLY B 123 12.77 5.10 -16.48
C GLY B 123 12.76 5.98 -15.24
N HIS B 124 13.33 7.19 -15.35
CA HIS B 124 13.27 8.15 -14.26
C HIS B 124 11.84 8.64 -14.04
N SER B 125 11.08 8.83 -15.13
CA SER B 125 9.70 9.29 -14.98
C SER B 125 8.89 8.30 -14.18
N LEU B 126 9.28 7.03 -14.21
CA LEU B 126 8.57 5.98 -13.51
C LEU B 126 9.12 5.74 -12.11
N GLY B 127 10.21 6.39 -11.74
CA GLY B 127 10.71 6.31 -10.39
C GLY B 127 12.00 5.55 -10.18
N LEU B 128 12.73 5.22 -11.26
CA LEU B 128 14.01 4.52 -11.20
C LEU B 128 15.21 5.45 -11.02
N ASP B 129 16.23 4.93 -10.33
CA ASP B 129 17.54 5.54 -10.16
C ASP B 129 18.55 5.04 -11.18
N HIS B 130 19.77 5.55 -11.09
CA HIS B 130 20.83 5.09 -11.97
C HIS B 130 21.41 3.77 -11.47
N SER B 131 21.90 2.94 -12.41
CA SER B 131 22.46 1.64 -12.11
C SER B 131 23.99 1.67 -12.07
N LYS B 132 24.58 0.76 -11.29
CA LYS B 132 26.02 0.60 -11.33
C LYS B 132 26.45 -0.49 -12.31
N ASP B 133 25.52 -1.17 -12.94
CA ASP B 133 25.82 -2.20 -13.92
C ASP B 133 26.06 -1.50 -15.24
N PRO B 134 27.29 -1.55 -15.74
CA PRO B 134 27.62 -0.81 -16.98
C PRO B 134 26.80 -1.23 -18.19
N GLY B 135 26.18 -2.40 -18.16
CA GLY B 135 25.36 -2.83 -19.28
C GLY B 135 23.89 -2.50 -19.19
N ALA B 136 23.45 -1.90 -18.07
CA ALA B 136 22.05 -1.54 -17.88
C ALA B 136 21.68 -0.33 -18.74
N LEU B 137 20.40 -0.21 -19.04
CA LEU B 137 19.92 0.99 -19.70
C LEU B 137 19.96 2.18 -18.75
N MET B 138 19.74 1.93 -17.46
CA MET B 138 19.78 2.99 -16.46
C MET B 138 21.19 3.32 -16.00
N PHE B 139 22.20 2.87 -16.74
CA PHE B 139 23.56 3.27 -16.42
C PHE B 139 23.72 4.76 -16.76
N PRO B 140 24.44 5.52 -15.94
CA PRO B 140 24.45 6.98 -16.09
C PRO B 140 25.20 7.53 -17.30
N ILE B 141 25.91 6.71 -18.08
CA ILE B 141 26.72 7.15 -19.22
C ILE B 141 26.13 6.60 -20.50
N TYR B 142 25.92 7.47 -21.49
CA TYR B 142 25.34 7.05 -22.76
C TYR B 142 26.41 6.37 -23.61
N THR B 143 26.07 5.21 -24.15
CA THR B 143 26.84 4.51 -25.16
C THR B 143 25.85 3.84 -26.09
N TYR B 144 26.26 3.59 -27.33
CA TYR B 144 25.39 2.89 -28.26
C TYR B 144 26.05 1.56 -28.60
N THR B 145 25.37 0.47 -28.25
CA THR B 145 25.86 -0.89 -28.48
C THR B 145 25.99 -1.26 -29.95
N GLY B 146 25.02 -0.83 -30.74
CA GLY B 146 24.99 -1.11 -32.16
C GLY B 146 24.29 -2.38 -32.56
N LYS B 147 23.82 -3.16 -31.59
CA LYS B 147 23.11 -4.39 -31.91
C LYS B 147 21.82 -3.97 -32.61
N SER B 148 21.38 -4.77 -33.58
CA SER B 148 20.16 -4.44 -34.32
C SER B 148 18.89 -4.43 -33.50
N HIS B 149 18.74 -5.37 -32.58
CA HIS B 149 17.53 -5.47 -31.77
C HIS B 149 17.78 -5.19 -30.30
N PHE B 150 16.92 -4.37 -29.71
CA PHE B 150 17.08 -3.97 -28.32
C PHE B 150 16.33 -4.92 -27.39
N MET B 151 17.03 -5.49 -26.42
CA MET B 151 16.41 -6.30 -25.38
C MET B 151 16.72 -5.67 -24.02
N LEU B 152 15.66 -5.17 -23.34
CA LEU B 152 15.80 -4.54 -22.02
C LEU B 152 16.58 -5.44 -21.07
N PRO B 153 17.77 -5.02 -20.63
CA PRO B 153 18.62 -5.87 -19.79
C PRO B 153 17.96 -6.18 -18.45
N ASP B 154 18.39 -7.30 -17.84
CA ASP B 154 17.68 -7.83 -16.66
C ASP B 154 17.75 -6.88 -15.46
N ASP B 155 18.87 -6.19 -15.29
CA ASP B 155 19.02 -5.30 -14.14
C ASP B 155 17.97 -4.20 -14.16
N ASP B 156 17.58 -3.74 -15.34
CA ASP B 156 16.59 -2.70 -15.45
C ASP B 156 15.19 -3.25 -15.33
N VAL B 157 15.00 -4.51 -15.74
CA VAL B 157 13.74 -5.21 -15.52
C VAL B 157 13.50 -5.42 -14.03
N GLN B 158 14.49 -6.01 -13.35
CA GLN B 158 14.43 -6.12 -11.90
C GLN B 158 14.07 -4.79 -11.26
N GLY B 159 14.76 -3.72 -11.67
CA GLY B 159 14.52 -2.42 -11.06
C GLY B 159 13.10 -1.92 -11.21
N ILE B 160 12.55 -1.97 -12.43
CA ILE B 160 11.18 -1.49 -12.62
C ILE B 160 10.19 -2.45 -11.98
N GLN B 161 10.51 -3.75 -11.92
CA GLN B 161 9.61 -4.68 -11.24
C GLN B 161 9.67 -4.52 -9.73
N SER B 162 10.81 -4.07 -9.22
CA SER B 162 10.90 -3.82 -7.79
C SER B 162 9.86 -2.80 -7.35
N LEU B 163 9.48 -1.88 -8.22
CA LEU B 163 8.45 -0.93 -7.84
C LEU B 163 7.04 -1.42 -8.14
N TYR B 164 6.82 -2.01 -9.32
CA TYR B 164 5.48 -2.30 -9.81
C TYR B 164 5.15 -3.78 -10.01
N GLY B 165 6.12 -4.69 -9.95
CA GLY B 165 5.83 -6.09 -10.13
C GLY B 165 5.76 -6.50 -11.60
N PRO B 166 5.55 -7.78 -11.84
CA PRO B 166 5.63 -8.31 -13.21
C PRO B 166 4.46 -8.06 -14.15
N GLY B 167 3.24 -7.95 -13.73
CA GLY B 167 2.23 -7.65 -14.73
C GLY B 167 1.88 -8.80 -15.69
N ASP B 168 0.89 -8.49 -16.55
CA ASP B 168 0.09 -9.47 -17.27
C ASP B 168 0.94 -10.41 -18.12
N GLU B 169 1.98 -9.87 -18.75
CA GLU B 169 2.87 -10.57 -19.67
C GLU B 169 3.48 -11.83 -19.07
N ASP B 170 4.08 -12.68 -19.90
CA ASP B 170 4.74 -13.90 -19.38
C ASP B 170 5.88 -14.35 -20.28
N PRO B 171 7.00 -14.81 -19.71
CA PRO B 171 8.19 -15.16 -20.50
C PRO B 171 8.26 -16.64 -20.87
N TYR C 2 -24.80 23.22 8.45
CA TYR C 2 -24.08 22.60 9.57
C TYR C 2 -22.99 21.65 9.06
N ASN C 3 -21.74 21.91 9.46
CA ASN C 3 -20.54 21.19 8.99
C ASN C 3 -20.25 19.98 9.89
N VAL C 4 -21.01 18.91 9.67
CA VAL C 4 -20.77 17.63 10.36
C VAL C 4 -20.79 16.50 9.34
N PHE C 5 -20.49 15.23 9.84
CA PHE C 5 -20.43 14.05 9.01
C PHE C 5 -21.70 13.21 9.16
N PRO C 6 -22.20 12.56 8.09
CA PRO C 6 -23.48 11.83 8.20
C PRO C 6 -23.29 10.35 8.46
N ARG C 7 -23.94 9.76 9.48
CA ARG C 7 -23.73 8.34 9.79
C ARG C 7 -24.66 7.50 8.93
N THR C 8 -24.08 6.68 8.08
CA THR C 8 -24.87 5.79 7.24
C THR C 8 -25.48 4.65 8.05
N LEU C 9 -26.82 4.51 7.99
CA LEU C 9 -27.62 3.66 8.87
C LEU C 9 -27.83 2.22 8.37
N LYS C 10 -28.22 2.03 7.11
CA LYS C 10 -28.42 0.69 6.54
C LYS C 10 -27.81 0.64 5.15
N TRP C 11 -27.77 -0.56 4.55
CA TRP C 11 -27.37 -0.71 3.15
C TRP C 11 -28.51 -0.28 2.25
N SER C 12 -28.17 0.49 1.21
CA SER C 12 -29.18 1.03 0.28
C SER C 12 -29.59 0.06 -0.80
N LYS C 13 -28.78 -0.95 -1.10
CA LYS C 13 -29.14 -2.04 -2.00
C LYS C 13 -29.62 -3.23 -1.17
N MET C 14 -30.43 -4.10 -1.80
CA MET C 14 -30.89 -5.30 -1.09
C MET C 14 -30.13 -6.55 -1.46
N ASN C 15 -29.31 -6.51 -2.50
CA ASN C 15 -28.54 -7.67 -2.94
C ASN C 15 -27.06 -7.43 -2.64
N LEU C 16 -26.51 -8.13 -1.65
CA LEU C 16 -25.14 -7.89 -1.27
C LEU C 16 -24.29 -9.08 -1.70
N THR C 17 -22.98 -8.84 -1.85
CA THR C 17 -22.03 -9.88 -2.24
C THR C 17 -20.96 -9.97 -1.17
N TYR C 18 -20.49 -11.17 -0.91
CA TYR C 18 -19.34 -11.38 -0.05
C TYR C 18 -18.25 -12.17 -0.77
N ARG C 19 -17.05 -12.12 -0.22
CA ARG C 19 -15.94 -12.91 -0.73
C ARG C 19 -15.13 -13.46 0.43
N ILE C 20 -14.77 -14.74 0.37
CA ILE C 20 -13.90 -15.34 1.38
C ILE C 20 -12.46 -15.24 0.88
N VAL C 21 -11.70 -14.31 1.45
CA VAL C 21 -10.40 -13.95 0.90
C VAL C 21 -9.37 -15.03 1.21
N ASN C 22 -9.28 -15.44 2.47
CA ASN C 22 -8.40 -16.52 2.89
C ASN C 22 -9.13 -17.37 3.92
N TYR C 23 -8.63 -18.58 4.11
CA TYR C 23 -9.29 -19.52 4.98
C TYR C 23 -8.42 -19.81 6.20
N THR C 24 -9.10 -20.14 7.30
CA THR C 24 -8.45 -20.54 8.54
C THR C 24 -7.96 -21.98 8.44
N PRO C 25 -6.84 -22.30 9.09
CA PRO C 25 -6.31 -23.67 9.03
C PRO C 25 -7.11 -24.71 9.80
N ASP C 26 -7.98 -24.30 10.73
CA ASP C 26 -8.70 -25.17 11.66
C ASP C 26 -9.86 -25.96 11.06
N MET C 27 -10.35 -25.61 9.88
CA MET C 27 -11.48 -26.31 9.30
C MET C 27 -11.37 -26.21 7.78
N THR C 28 -12.06 -27.12 7.10
CA THR C 28 -11.89 -27.28 5.66
C THR C 28 -12.60 -26.18 4.89
N HIS C 29 -12.17 -26.00 3.62
CA HIS C 29 -12.76 -24.96 2.78
C HIS C 29 -14.27 -25.09 2.78
N SER C 30 -14.76 -26.33 2.65
CA SER C 30 -16.20 -26.58 2.59
C SER C 30 -16.87 -26.31 3.93
N GLU C 31 -16.23 -26.66 5.05
CA GLU C 31 -16.83 -26.38 6.35
C GLU C 31 -16.91 -24.88 6.57
N VAL C 32 -15.85 -24.16 6.19
CA VAL C 32 -15.79 -22.70 6.34
C VAL C 32 -16.85 -22.04 5.48
N GLU C 33 -16.91 -22.40 4.20
CA GLU C 33 -17.91 -21.80 3.32
C GLU C 33 -19.32 -22.09 3.85
N LYS C 34 -19.60 -23.35 4.17
CA LYS C 34 -20.92 -23.70 4.69
C LYS C 34 -21.23 -22.93 5.97
N ALA C 35 -20.22 -22.68 6.81
CA ALA C 35 -20.48 -21.93 8.04
C ALA C 35 -20.82 -20.48 7.73
N PHE C 36 -20.06 -19.85 6.84
CA PHE C 36 -20.36 -18.46 6.47
C PHE C 36 -21.68 -18.37 5.72
N LYS C 37 -21.92 -19.32 4.81
CA LYS C 37 -23.16 -19.32 4.06
C LYS C 37 -24.36 -19.42 4.98
N LYS C 38 -24.27 -20.32 5.96
CA LYS C 38 -25.33 -20.50 6.97
C LYS C 38 -25.53 -19.25 7.82
N ALA C 39 -24.45 -18.51 8.10
CA ALA C 39 -24.54 -17.30 8.91
C ALA C 39 -25.25 -16.18 8.16
N PHE C 40 -24.98 -16.02 6.87
CA PHE C 40 -25.70 -15.02 6.10
C PHE C 40 -27.18 -15.39 5.95
N LYS C 41 -27.47 -16.68 5.81
CA LYS C 41 -28.86 -17.13 5.67
C LYS C 41 -29.69 -16.74 6.89
N VAL C 42 -29.06 -16.69 8.06
CA VAL C 42 -29.73 -16.31 9.32
C VAL C 42 -30.47 -15.00 9.16
N TRP C 43 -29.87 -14.05 8.43
CA TRP C 43 -30.44 -12.73 8.17
C TRP C 43 -31.30 -12.67 6.90
N SER C 44 -31.01 -13.53 5.91
CA SER C 44 -31.83 -13.59 4.70
C SER C 44 -33.27 -13.99 5.01
N ASP C 45 -33.44 -14.93 5.94
CA ASP C 45 -34.74 -15.53 6.17
C ASP C 45 -35.79 -14.54 6.66
N VAL C 46 -35.38 -13.52 7.40
CA VAL C 46 -36.33 -12.62 8.02
C VAL C 46 -36.32 -11.23 7.40
N THR C 47 -35.57 -11.04 6.30
CA THR C 47 -35.44 -9.75 5.62
C THR C 47 -35.44 -9.92 4.11
N PRO C 48 -35.60 -8.82 3.36
CA PRO C 48 -35.41 -8.89 1.89
C PRO C 48 -33.97 -9.10 1.46
N LEU C 49 -33.01 -9.04 2.38
CA LEU C 49 -31.61 -9.11 1.99
C LEU C 49 -31.31 -10.47 1.36
N ASN C 50 -30.39 -10.46 0.38
CA ASN C 50 -29.90 -11.66 -0.28
C ASN C 50 -28.38 -11.54 -0.37
N PHE C 51 -27.64 -12.64 -0.14
CA PHE C 51 -26.18 -12.61 -0.05
C PHE C 51 -25.56 -13.58 -1.04
N THR C 52 -24.59 -13.08 -1.83
CA THR C 52 -23.98 -13.87 -2.91
C THR C 52 -22.47 -13.90 -2.76
N ARG C 53 -21.86 -15.05 -3.02
CA ARG C 53 -20.42 -15.24 -2.83
C ARG C 53 -19.67 -15.03 -4.14
N LEU C 54 -18.57 -14.27 -4.06
CA LEU C 54 -17.65 -14.07 -5.18
C LEU C 54 -16.36 -14.82 -4.91
N HIS C 55 -15.78 -15.42 -5.96
CA HIS C 55 -14.49 -16.09 -5.81
C HIS C 55 -13.31 -15.14 -5.93
N ASP C 56 -13.46 -14.01 -6.61
CA ASP C 56 -12.36 -13.07 -6.70
C ASP C 56 -12.92 -11.67 -6.93
N GLY C 57 -12.04 -10.67 -6.87
CA GLY C 57 -12.48 -9.30 -7.06
C GLY C 57 -13.01 -8.72 -5.77
N ILE C 58 -13.57 -7.53 -5.91
CA ILE C 58 -14.06 -6.75 -4.77
C ILE C 58 -15.56 -6.97 -4.58
N ALA C 59 -15.96 -7.36 -3.35
CA ALA C 59 -17.36 -7.57 -3.02
C ALA C 59 -17.73 -6.66 -1.86
N ASP C 60 -19.04 -6.51 -1.63
CA ASP C 60 -19.54 -5.60 -0.59
C ASP C 60 -18.99 -5.99 0.78
N ILE C 61 -19.15 -7.25 1.16
CA ILE C 61 -18.68 -7.75 2.45
C ILE C 61 -17.44 -8.59 2.18
N MET C 62 -16.27 -8.08 2.56
CA MET C 62 -15.00 -8.78 2.33
C MET C 62 -14.61 -9.48 3.64
N ILE C 63 -14.57 -10.80 3.61
CA ILE C 63 -14.35 -11.62 4.81
C ILE C 63 -12.90 -12.12 4.79
N SER C 64 -12.19 -11.96 5.91
CA SER C 64 -10.83 -12.48 5.92
C SER C 64 -10.38 -12.83 7.34
N PHE C 65 -9.43 -13.76 7.40
CA PHE C 65 -8.71 -14.14 8.61
C PHE C 65 -7.34 -13.46 8.69
N GLY C 66 -6.92 -13.14 9.90
CA GLY C 66 -5.59 -12.58 10.13
C GLY C 66 -5.29 -12.58 11.60
N ILE C 67 -4.04 -12.25 11.95
CA ILE C 67 -3.60 -12.23 13.34
C ILE C 67 -2.91 -10.90 13.59
N LYS C 68 -2.84 -10.51 14.87
CA LYS C 68 -2.22 -9.25 15.29
C LYS C 68 -2.58 -8.08 14.39
N GLU C 69 -1.57 -7.42 13.83
CA GLU C 69 -1.78 -6.28 12.94
C GLU C 69 -2.03 -6.80 11.53
N HIS C 70 -3.24 -6.55 11.02
CA HIS C 70 -3.65 -7.12 9.75
C HIS C 70 -4.02 -6.07 8.70
N GLY C 71 -3.76 -4.80 8.95
CA GLY C 71 -3.93 -3.76 7.96
C GLY C 71 -5.01 -2.71 8.18
N ASP C 72 -5.44 -2.51 9.41
CA ASP C 72 -6.39 -1.44 9.72
C ASP C 72 -6.07 -0.73 11.03
N PHE C 73 -5.02 -1.15 11.73
CA PHE C 73 -4.62 -0.55 13.00
C PHE C 73 -5.70 -0.76 14.07
N TYR C 74 -6.42 -1.87 13.93
CA TYR C 74 -7.31 -2.41 14.96
C TYR C 74 -6.81 -3.81 15.27
N PRO C 75 -5.64 -3.94 15.88
CA PRO C 75 -4.95 -5.23 15.91
C PRO C 75 -5.68 -6.26 16.76
N PHE C 76 -5.44 -7.52 16.44
CA PHE C 76 -5.90 -8.59 17.30
C PHE C 76 -4.87 -8.87 18.40
N ASP C 77 -5.24 -9.74 19.34
CA ASP C 77 -4.50 -9.89 20.58
C ASP C 77 -3.97 -11.28 20.83
N GLY C 78 -3.91 -12.14 19.82
CA GLY C 78 -3.54 -13.51 20.08
C GLY C 78 -4.73 -14.27 20.67
N PRO C 79 -4.48 -15.42 21.27
CA PRO C 79 -5.59 -16.29 21.70
C PRO C 79 -6.47 -15.65 22.78
N SER C 80 -7.76 -15.92 22.67
CA SER C 80 -8.87 -15.37 23.48
C SER C 80 -8.84 -13.83 23.37
N GLY C 81 -9.40 -13.12 24.34
CA GLY C 81 -9.54 -11.68 24.18
C GLY C 81 -10.47 -11.39 23.03
N LEU C 82 -10.01 -10.51 22.11
CA LEU C 82 -10.81 -10.20 20.93
C LEU C 82 -10.89 -11.39 19.97
N LEU C 83 -12.01 -11.45 19.23
CA LEU C 83 -12.25 -12.59 18.35
C LEU C 83 -12.50 -12.14 16.92
N ALA C 84 -13.34 -11.13 16.72
CA ALA C 84 -13.61 -10.64 15.40
C ALA C 84 -14.06 -9.20 15.51
N HIS C 85 -14.05 -8.51 14.39
CA HIS C 85 -14.73 -7.23 14.29
C HIS C 85 -15.14 -7.05 12.86
N ALA C 86 -16.17 -6.24 12.68
CA ALA C 86 -16.75 -5.99 11.38
C ALA C 86 -17.21 -4.55 11.33
N PHE C 87 -17.14 -3.99 10.16
CA PHE C 87 -17.40 -2.57 9.97
C PHE C 87 -18.85 -2.37 9.53
N PRO C 88 -19.42 -1.23 9.91
CA PRO C 88 -20.81 -0.92 9.53
C PRO C 88 -20.93 -0.71 8.04
N PRO C 89 -22.16 -0.66 7.52
CA PRO C 89 -22.33 -0.48 6.07
C PRO C 89 -21.61 0.77 5.57
N GLY C 90 -21.18 0.71 4.33
CA GLY C 90 -20.44 1.79 3.75
C GLY C 90 -19.56 1.30 2.63
N PRO C 91 -18.88 2.21 1.95
CA PRO C 91 -17.96 1.82 0.88
C PRO C 91 -16.63 1.42 1.46
N ASN C 92 -15.87 0.64 0.68
CA ASN C 92 -14.53 0.21 1.08
C ASN C 92 -14.57 -0.74 2.28
N TYR C 93 -13.91 -0.38 3.39
CA TYR C 93 -13.91 -1.26 4.57
C TYR C 93 -15.32 -1.49 5.11
N GLY C 94 -16.25 -0.62 4.75
CA GLY C 94 -17.62 -0.76 5.18
C GLY C 94 -18.16 -2.14 4.91
N GLY C 95 -18.77 -2.74 5.92
CA GLY C 95 -19.35 -4.05 5.80
C GLY C 95 -18.40 -5.20 6.01
N ASP C 96 -17.07 -4.96 5.93
CA ASP C 96 -16.10 -6.06 6.00
C ASP C 96 -16.05 -6.68 7.40
N ALA C 97 -15.61 -7.93 7.43
CA ALA C 97 -15.50 -8.71 8.65
C ALA C 97 -14.12 -9.36 8.73
N HIS C 98 -13.48 -9.24 9.88
CA HIS C 98 -12.15 -9.79 10.10
C HIS C 98 -12.23 -10.78 11.25
N PHE C 99 -11.63 -11.95 11.09
CA PHE C 99 -11.67 -12.92 12.15
C PHE C 99 -10.25 -13.25 12.59
N ASP C 100 -10.02 -13.21 13.90
CA ASP C 100 -8.70 -13.45 14.49
C ASP C 100 -8.30 -14.90 14.36
N ASP C 101 -7.18 -15.17 13.70
CA ASP C 101 -6.78 -16.54 13.44
C ASP C 101 -5.82 -17.10 14.49
N ASP C 102 -5.58 -16.36 15.57
CA ASP C 102 -5.03 -16.95 16.78
C ASP C 102 -6.11 -17.59 17.67
N GLU C 103 -7.38 -17.49 17.30
CA GLU C 103 -8.41 -18.29 17.95
C GLU C 103 -8.44 -19.67 17.34
N THR C 104 -9.33 -20.51 17.87
CA THR C 104 -9.59 -21.83 17.29
C THR C 104 -11.02 -21.84 16.78
N TRP C 105 -11.17 -22.01 15.46
CA TRP C 105 -12.48 -21.96 14.84
C TRP C 105 -12.98 -23.38 14.60
N THR C 106 -14.21 -23.64 15.01
CA THR C 106 -14.78 -24.98 14.94
C THR C 106 -16.21 -24.89 14.44
N SER C 107 -16.72 -26.03 13.99
CA SER C 107 -18.14 -26.16 13.70
C SER C 107 -18.90 -26.81 14.84
N SER C 108 -18.22 -27.09 15.95
CA SER C 108 -18.78 -27.71 17.15
C SER C 108 -18.70 -26.73 18.31
N SER C 109 -18.49 -27.25 19.51
CA SER C 109 -18.42 -26.46 20.72
C SER C 109 -17.02 -26.38 21.31
N LYS C 110 -16.02 -26.99 20.67
CA LYS C 110 -14.73 -27.23 21.33
C LYS C 110 -13.95 -25.94 21.55
N GLY C 111 -14.00 -25.01 20.59
CA GLY C 111 -13.39 -23.69 20.66
C GLY C 111 -14.44 -22.62 20.46
N TYR C 112 -14.15 -21.60 19.64
CA TYR C 112 -15.14 -20.62 19.22
C TYR C 112 -15.82 -21.05 17.91
N ASN C 113 -17.16 -21.07 17.93
CA ASN C 113 -17.97 -21.53 16.80
C ASN C 113 -18.04 -20.50 15.68
N LEU C 114 -17.48 -20.86 14.51
CA LEU C 114 -17.34 -19.91 13.42
C LEU C 114 -18.69 -19.43 12.93
N PHE C 115 -19.66 -20.33 12.80
CA PHE C 115 -21.01 -19.95 12.41
C PHE C 115 -21.60 -18.90 13.35
N LEU C 116 -21.55 -19.15 14.67
CA LEU C 116 -22.19 -18.21 15.58
C LEU C 116 -21.58 -16.83 15.48
N VAL C 117 -20.27 -16.72 15.66
CA VAL C 117 -19.65 -15.40 15.71
C VAL C 117 -19.79 -14.71 14.35
N ALA C 118 -19.76 -15.49 13.27
CA ALA C 118 -19.98 -14.92 11.94
C ALA C 118 -21.34 -14.28 11.84
N ALA C 119 -22.39 -15.02 12.24
CA ALA C 119 -23.75 -14.49 12.28
C ALA C 119 -23.81 -13.20 13.09
N HIS C 120 -23.19 -13.20 14.27
CA HIS C 120 -23.13 -12.00 15.09
C HIS C 120 -22.52 -10.84 14.33
N GLU C 121 -21.31 -11.04 13.78
CA GLU C 121 -20.57 -9.94 13.17
C GLU C 121 -21.27 -9.38 11.93
N PHE C 122 -21.92 -10.25 11.14
CA PHE C 122 -22.66 -9.76 9.98
C PHE C 122 -23.83 -8.88 10.42
N GLY C 123 -24.41 -9.15 11.58
CA GLY C 123 -25.37 -8.23 12.15
C GLY C 123 -24.79 -6.83 12.27
N HIS C 124 -23.53 -6.73 12.68
CA HIS C 124 -22.82 -5.45 12.67
C HIS C 124 -22.58 -4.93 11.25
N SER C 125 -22.22 -5.82 10.31
CA SER C 125 -22.05 -5.40 8.93
C SER C 125 -23.33 -4.85 8.34
N LEU C 126 -24.49 -5.31 8.81
CA LEU C 126 -25.76 -4.87 8.25
C LEU C 126 -26.31 -3.67 9.00
N GLY C 127 -25.68 -3.25 10.07
CA GLY C 127 -26.08 -2.04 10.74
C GLY C 127 -26.73 -2.20 12.08
N LEU C 128 -26.65 -3.38 12.68
CA LEU C 128 -27.18 -3.61 14.02
C LEU C 128 -26.11 -3.33 15.06
N ASP C 129 -26.56 -2.80 16.20
CA ASP C 129 -25.79 -2.56 17.41
C ASP C 129 -25.95 -3.76 18.35
N HIS C 130 -25.32 -3.70 19.52
CA HIS C 130 -25.46 -4.78 20.48
C HIS C 130 -26.79 -4.70 21.24
N SER C 131 -27.32 -5.87 21.61
CA SER C 131 -28.60 -6.01 22.28
C SER C 131 -28.42 -6.24 23.78
N LYS C 132 -29.41 -5.77 24.56
CA LYS C 132 -29.44 -5.94 26.01
C LYS C 132 -30.16 -7.21 26.48
N ASP C 133 -30.78 -7.96 25.57
CA ASP C 133 -31.46 -9.20 25.89
C ASP C 133 -30.45 -10.34 25.88
N PRO C 134 -30.15 -10.94 27.04
CA PRO C 134 -29.10 -11.98 27.07
C PRO C 134 -29.36 -13.15 26.15
N GLY C 135 -30.59 -13.33 25.67
CA GLY C 135 -30.92 -14.42 24.76
C GLY C 135 -30.77 -14.09 23.29
N ALA C 136 -30.39 -12.84 22.98
CA ALA C 136 -30.23 -12.34 21.62
C ALA C 136 -28.97 -12.91 20.98
N LEU C 137 -28.95 -12.89 19.64
CA LEU C 137 -27.71 -13.19 18.91
C LEU C 137 -26.75 -12.02 18.98
N MET C 138 -27.28 -10.80 19.04
CA MET C 138 -26.52 -9.56 19.12
C MET C 138 -26.15 -9.19 20.56
N PHE C 139 -26.21 -10.11 21.49
CA PHE C 139 -25.72 -9.82 22.83
C PHE C 139 -24.19 -9.84 22.85
N PRO C 140 -23.55 -8.96 23.62
CA PRO C 140 -22.09 -8.78 23.53
C PRO C 140 -21.22 -9.92 24.05
N ILE C 141 -21.75 -11.00 24.60
CA ILE C 141 -20.91 -12.06 25.17
C ILE C 141 -21.16 -13.37 24.43
N TYR C 142 -20.08 -14.01 24.00
CA TYR C 142 -20.20 -15.29 23.32
C TYR C 142 -20.44 -16.37 24.34
N THR C 143 -21.47 -17.17 24.10
CA THR C 143 -21.74 -18.39 24.84
C THR C 143 -22.23 -19.42 23.85
N TYR C 144 -21.88 -20.69 24.07
CA TYR C 144 -22.36 -21.73 23.17
C TYR C 144 -22.28 -23.06 23.89
N THR C 145 -23.43 -23.73 24.03
CA THR C 145 -23.64 -24.95 24.78
C THR C 145 -23.48 -26.20 23.92
N GLY C 146 -23.52 -26.04 22.59
CA GLY C 146 -23.33 -27.12 21.66
C GLY C 146 -24.55 -27.61 20.92
N LYS C 147 -25.76 -27.18 21.27
CA LYS C 147 -26.88 -27.74 20.55
C LYS C 147 -26.96 -27.15 19.15
N SER C 148 -27.50 -27.94 18.22
CA SER C 148 -27.72 -27.50 16.85
C SER C 148 -29.15 -26.96 16.73
N HIS C 149 -29.67 -26.90 15.51
CA HIS C 149 -31.01 -26.34 15.25
C HIS C 149 -31.14 -24.96 15.88
N PHE C 150 -30.47 -24.03 15.21
CA PHE C 150 -30.44 -22.63 15.59
C PHE C 150 -31.70 -21.94 15.08
N MET C 151 -32.26 -21.04 15.88
CA MET C 151 -33.40 -20.24 15.45
C MET C 151 -33.24 -18.83 16.03
N LEU C 152 -33.43 -17.82 15.19
CA LEU C 152 -32.99 -16.46 15.50
C LEU C 152 -33.87 -15.79 16.55
N PRO C 153 -33.31 -15.36 17.67
CA PRO C 153 -34.12 -14.80 18.75
C PRO C 153 -34.94 -13.58 18.32
N ASP C 154 -36.03 -13.36 19.06
CA ASP C 154 -37.00 -12.34 18.65
C ASP C 154 -36.43 -10.94 18.71
N ASP C 155 -35.53 -10.65 19.66
CA ASP C 155 -35.01 -9.30 19.72
C ASP C 155 -34.28 -8.94 18.45
N ASP C 156 -33.61 -9.92 17.83
CA ASP C 156 -32.83 -9.65 16.64
C ASP C 156 -33.67 -9.55 15.38
N VAL C 157 -34.73 -10.35 15.29
CA VAL C 157 -35.66 -10.18 14.19
C VAL C 157 -36.38 -8.85 14.32
N GLN C 158 -36.88 -8.58 15.52
CA GLN C 158 -37.41 -7.26 15.80
C GLN C 158 -36.39 -6.19 15.46
N GLY C 159 -35.11 -6.50 15.66
CA GLY C 159 -34.06 -5.53 15.42
C GLY C 159 -33.64 -5.33 13.98
N ILE C 160 -33.37 -6.41 13.24
CA ILE C 160 -32.92 -6.22 11.86
C ILE C 160 -34.08 -5.80 10.97
N GLN C 161 -35.32 -6.18 11.30
CA GLN C 161 -36.46 -5.79 10.48
C GLN C 161 -36.74 -4.31 10.59
N SER C 162 -36.46 -3.71 11.73
CA SER C 162 -36.57 -2.26 11.84
C SER C 162 -35.67 -1.55 10.83
N LEU C 163 -34.60 -2.20 10.34
CA LEU C 163 -33.82 -1.58 9.27
C LEU C 163 -34.32 -1.90 7.86
N TYR C 164 -34.60 -3.17 7.56
CA TYR C 164 -34.86 -3.60 6.18
C TYR C 164 -36.27 -4.11 5.92
N GLY C 165 -37.07 -4.36 6.94
CA GLY C 165 -38.39 -4.90 6.77
C GLY C 165 -38.39 -6.40 6.65
N PRO C 166 -39.59 -6.98 6.58
CA PRO C 166 -39.75 -8.43 6.52
C PRO C 166 -39.76 -8.99 5.09
N GLY C 167 -39.59 -10.31 5.00
CA GLY C 167 -39.65 -10.99 3.72
C GLY C 167 -40.99 -10.89 2.97
N ASN D 3 25.15 -14.08 -3.26
CA ASN D 3 24.77 -12.69 -2.98
C ASN D 3 23.84 -12.55 -1.75
N VAL D 4 24.38 -11.97 -0.66
CA VAL D 4 23.64 -11.76 0.59
C VAL D 4 23.30 -10.27 0.75
N PHE D 5 22.35 -9.99 1.66
CA PHE D 5 21.94 -8.62 1.98
C PHE D 5 23.12 -7.83 2.55
N PRO D 6 23.07 -6.49 2.45
CA PRO D 6 24.17 -5.64 2.95
C PRO D 6 24.42 -5.78 4.44
N ARG D 7 25.70 -5.74 4.83
CA ARG D 7 26.15 -6.20 6.13
C ARG D 7 26.62 -5.06 7.06
N THR D 8 26.12 -3.83 6.87
CA THR D 8 26.64 -2.67 7.60
C THR D 8 26.71 -2.93 9.12
N LEU D 9 27.94 -2.92 9.66
CA LEU D 9 28.17 -3.19 11.07
C LEU D 9 28.35 -1.90 11.87
N LYS D 10 29.49 -1.23 11.74
CA LYS D 10 29.75 -0.02 12.50
C LYS D 10 29.35 1.22 11.69
N TRP D 11 29.46 2.39 12.32
CA TRP D 11 29.33 3.68 11.63
C TRP D 11 30.61 4.01 10.86
N SER D 12 30.43 4.56 9.65
CA SER D 12 31.61 4.86 8.84
C SER D 12 32.31 6.14 9.27
N LYS D 13 31.56 7.12 9.76
CA LYS D 13 32.07 8.36 10.30
C LYS D 13 32.18 8.30 11.81
N MET D 14 33.06 9.13 12.35
CA MET D 14 33.24 9.19 13.80
C MET D 14 32.46 10.33 14.41
N ASN D 15 31.93 11.24 13.58
CA ASN D 15 31.14 12.37 14.09
C ASN D 15 29.67 12.06 13.85
N LEU D 16 28.99 11.75 14.93
CA LEU D 16 27.60 11.37 14.87
C LEU D 16 26.76 12.46 15.53
N THR D 17 25.49 12.52 15.11
CA THR D 17 24.51 13.46 15.63
C THR D 17 23.26 12.73 16.12
N TYR D 18 22.69 13.22 17.22
CA TYR D 18 21.39 12.78 17.73
C TYR D 18 20.45 13.95 17.90
N ARG D 19 19.16 13.65 17.79
CA ARG D 19 18.09 14.60 18.02
C ARG D 19 17.04 13.93 18.90
N ILE D 20 16.54 14.67 19.89
CA ILE D 20 15.42 14.23 20.73
C ILE D 20 14.15 14.76 20.07
N VAL D 21 13.36 13.87 19.47
CA VAL D 21 12.23 14.34 18.70
C VAL D 21 11.14 14.85 19.62
N ASN D 22 10.79 14.05 20.63
CA ASN D 22 9.79 14.42 21.62
C ASN D 22 10.19 13.87 22.99
N TYR D 23 9.63 14.46 24.05
CA TYR D 23 10.00 14.14 25.42
C TYR D 23 8.83 13.46 26.13
N THR D 24 9.17 12.57 27.10
CA THR D 24 8.25 11.88 27.99
C THR D 24 7.77 12.80 29.11
N PRO D 25 6.53 12.59 29.59
CA PRO D 25 6.01 13.45 30.68
C PRO D 25 6.65 13.18 32.03
N ASP D 26 7.30 12.03 32.18
CA ASP D 26 7.75 11.61 33.49
C ASP D 26 8.93 12.42 34.00
N MET D 27 9.64 13.15 33.13
CA MET D 27 10.86 13.85 33.50
C MET D 27 10.93 15.16 32.73
N THR D 28 11.69 16.09 33.30
CA THR D 28 11.83 17.44 32.78
C THR D 28 12.76 17.44 31.56
N HIS D 29 12.60 18.45 30.71
CA HIS D 29 13.41 18.47 29.49
C HIS D 29 14.89 18.31 29.83
N SER D 30 15.37 19.07 30.82
CA SER D 30 16.79 19.01 31.15
C SER D 30 17.19 17.67 31.78
N GLU D 31 16.31 17.01 32.55
CA GLU D 31 16.66 15.69 33.09
C GLU D 31 16.82 14.66 31.96
N VAL D 32 15.97 14.75 30.95
CA VAL D 32 16.08 13.90 29.78
C VAL D 32 17.36 14.22 29.02
N GLU D 33 17.57 15.51 28.72
CA GLU D 33 18.78 15.92 28.02
C GLU D 33 20.02 15.52 28.80
N LYS D 34 20.01 15.73 30.12
CA LYS D 34 21.13 15.35 30.96
C LYS D 34 21.42 13.85 30.85
N ALA D 35 20.36 13.03 30.74
CA ALA D 35 20.52 11.58 30.75
C ALA D 35 21.04 11.05 29.43
N PHE D 36 20.50 11.54 28.30
CA PHE D 36 21.00 11.12 26.98
C PHE D 36 22.42 11.64 26.76
N LYS D 37 22.69 12.88 27.16
CA LYS D 37 24.06 13.39 27.07
C LYS D 37 25.00 12.55 27.91
N LYS D 38 24.63 12.24 29.15
CA LYS D 38 25.47 11.37 29.95
C LYS D 38 25.57 9.97 29.33
N ALA D 39 24.50 9.53 28.67
CA ALA D 39 24.50 8.17 28.10
C ALA D 39 25.43 8.05 26.91
N PHE D 40 25.47 9.05 26.03
CA PHE D 40 26.42 8.97 24.92
C PHE D 40 27.85 9.07 25.43
N LYS D 41 28.09 9.89 26.47
CA LYS D 41 29.44 10.03 26.99
C LYS D 41 30.00 8.66 27.41
N VAL D 42 29.15 7.74 27.82
CA VAL D 42 29.63 6.41 28.22
C VAL D 42 30.51 5.83 27.11
N TRP D 43 30.09 5.99 25.85
CA TRP D 43 30.81 5.44 24.70
C TRP D 43 31.87 6.38 24.10
N SER D 44 31.62 7.70 24.12
CA SER D 44 32.61 8.63 23.59
C SER D 44 33.90 8.56 24.38
N ASP D 45 33.81 8.30 25.69
CA ASP D 45 34.99 8.31 26.55
C ASP D 45 35.98 7.19 26.24
N VAL D 46 35.52 6.08 25.66
CA VAL D 46 36.39 4.94 25.36
C VAL D 46 36.61 4.73 23.86
N THR D 47 36.09 5.63 23.01
CA THR D 47 36.22 5.53 21.56
C THR D 47 36.56 6.87 20.94
N PRO D 48 36.97 6.92 19.67
CA PRO D 48 37.11 8.21 18.99
C PRO D 48 35.80 8.91 18.69
N LEU D 49 34.65 8.25 18.93
CA LEU D 49 33.35 8.81 18.57
C LEU D 49 33.04 10.07 19.38
N ASN D 50 32.36 11.02 18.74
CA ASN D 50 31.82 12.17 19.47
C ASN D 50 30.44 12.47 18.90
N PHE D 51 29.56 12.93 19.78
CA PHE D 51 28.14 13.06 19.48
C PHE D 51 27.68 14.49 19.66
N THR D 52 26.92 15.00 18.68
CA THR D 52 26.42 16.37 18.71
C THR D 52 24.88 16.36 18.63
N ARG D 53 24.25 17.19 19.45
CA ARG D 53 22.80 17.19 19.55
C ARG D 53 22.20 18.27 18.64
N LEU D 54 21.20 17.88 17.86
CA LEU D 54 20.51 18.78 16.95
C LEU D 54 19.15 19.15 17.52
N HIS D 55 18.76 20.42 17.36
CA HIS D 55 17.43 20.85 17.76
C HIS D 55 16.39 20.65 16.66
N ASP D 56 16.78 20.46 15.40
CA ASP D 56 15.80 20.18 14.36
C ASP D 56 16.47 19.36 13.26
N GLY D 57 15.67 18.91 12.30
CA GLY D 57 16.22 18.20 11.16
C GLY D 57 16.56 16.74 11.40
N ILE D 58 17.17 16.13 10.38
CA ILE D 58 17.39 14.68 10.37
C ILE D 58 18.77 14.37 10.92
N ALA D 59 18.82 13.52 11.94
CA ALA D 59 20.09 13.18 12.57
C ALA D 59 20.31 11.68 12.48
N ASP D 60 21.53 11.29 12.82
CA ASP D 60 21.95 9.89 12.71
C ASP D 60 21.15 9.00 13.65
N ILE D 61 21.07 9.40 14.90
CA ILE D 61 20.27 8.70 15.86
C ILE D 61 19.10 9.57 16.21
N MET D 62 17.90 9.14 15.88
CA MET D 62 16.73 9.92 16.19
C MET D 62 15.99 9.26 17.32
N ILE D 63 16.04 9.87 18.48
CA ILE D 63 15.43 9.34 19.68
C ILE D 63 14.04 9.82 19.91
N SER D 64 13.14 8.92 20.24
CA SER D 64 11.78 9.35 20.49
C SER D 64 11.05 8.41 21.45
N PHE D 65 10.08 8.98 22.15
CA PHE D 65 9.14 8.25 22.98
C PHE D 65 7.85 8.02 22.22
N GLY D 66 7.22 6.88 22.48
CA GLY D 66 5.96 6.57 21.85
C GLY D 66 5.35 5.35 22.51
N ILE D 67 4.10 5.07 22.14
CA ILE D 67 3.36 3.97 22.73
C ILE D 67 2.77 3.13 21.61
N LYS D 68 2.51 1.87 21.96
CA LYS D 68 1.89 0.88 21.08
C LYS D 68 2.54 0.93 19.70
N GLU D 69 1.74 1.13 18.66
CA GLU D 69 2.25 1.18 17.29
C GLU D 69 2.70 2.60 16.97
N HIS D 70 4.00 2.76 16.72
CA HIS D 70 4.57 4.09 16.53
C HIS D 70 5.24 4.30 15.18
N GLY D 71 5.08 3.40 14.22
CA GLY D 71 5.56 3.64 12.88
C GLY D 71 6.77 2.83 12.44
N ASP D 72 7.01 1.68 13.04
CA ASP D 72 8.09 0.82 12.60
C ASP D 72 7.71 -0.65 12.60
N PHE D 73 6.43 -0.95 12.88
CA PHE D 73 5.90 -2.33 12.96
C PHE D 73 6.76 -3.21 13.86
N TYR D 74 7.24 -2.61 14.93
CA TYR D 74 7.83 -3.32 16.06
C TYR D 74 7.23 -2.61 17.25
N PRO D 75 5.99 -2.94 17.61
CA PRO D 75 5.19 -2.07 18.47
C PRO D 75 5.44 -2.35 19.94
N PHE D 76 5.19 -1.33 20.76
CA PHE D 76 5.27 -1.52 22.19
C PHE D 76 3.95 -2.09 22.74
N ASP D 77 3.99 -2.51 24.01
CA ASP D 77 2.94 -3.34 24.59
C ASP D 77 2.23 -2.70 25.79
N GLY D 78 2.34 -1.39 25.97
CA GLY D 78 1.76 -0.77 27.14
C GLY D 78 2.64 -1.03 28.35
N PRO D 79 2.11 -0.82 29.56
CA PRO D 79 2.98 -0.92 30.73
C PRO D 79 3.55 -2.31 30.92
N SER D 80 4.83 -2.34 31.30
CA SER D 80 5.74 -3.49 31.39
C SER D 80 5.96 -4.18 30.04
N GLY D 81 6.43 -5.42 30.07
CA GLY D 81 6.85 -6.07 28.84
C GLY D 81 8.01 -5.30 28.24
N LEU D 82 7.91 -5.02 26.95
CA LEU D 82 8.96 -4.32 26.21
C LEU D 82 9.14 -2.91 26.75
N LEU D 83 10.35 -2.36 26.60
CA LEU D 83 10.52 -1.01 27.15
C LEU D 83 11.21 -0.05 26.19
N ALA D 84 12.23 -0.50 25.47
CA ALA D 84 12.89 0.34 24.48
C ALA D 84 13.51 -0.53 23.42
N HIS D 85 13.77 0.04 22.24
CA HIS D 85 14.58 -0.64 21.25
C HIS D 85 15.25 0.36 20.34
N ALA D 86 16.37 -0.06 19.75
CA ALA D 86 17.20 0.78 18.90
C ALA D 86 17.77 -0.05 17.76
N PHE D 87 18.00 0.63 16.60
CA PHE D 87 18.36 -0.13 15.41
C PHE D 87 19.85 -0.04 15.08
N PRO D 88 20.40 -1.06 14.42
CA PRO D 88 21.83 -1.07 14.12
C PRO D 88 22.19 0.02 13.11
N PRO D 89 23.48 0.35 13.00
CA PRO D 89 23.90 1.47 12.15
C PRO D 89 23.47 1.30 10.70
N GLY D 90 23.20 2.43 10.07
CA GLY D 90 22.69 2.52 8.74
C GLY D 90 21.94 3.83 8.58
N PRO D 91 21.47 4.08 7.38
CA PRO D 91 20.70 5.29 7.11
C PRO D 91 19.24 5.07 7.52
N ASN D 92 18.51 6.19 7.63
CA ASN D 92 17.08 6.14 7.91
C ASN D 92 16.75 5.59 9.30
N TYR D 93 15.92 4.53 9.41
CA TYR D 93 15.63 4.04 10.76
C TYR D 93 16.89 3.56 11.47
N GLY D 94 17.93 3.20 10.73
CA GLY D 94 19.17 2.78 11.30
C GLY D 94 19.68 3.76 12.33
N GLY D 95 20.14 3.25 13.46
CA GLY D 95 20.67 4.06 14.52
C GLY D 95 19.67 4.64 15.49
N ASP D 96 18.37 4.71 15.12
CA ASP D 96 17.38 5.35 15.97
C ASP D 96 17.12 4.55 17.24
N ALA D 97 16.66 5.26 18.27
CA ALA D 97 16.34 4.66 19.55
C ALA D 97 14.96 5.14 19.98
N HIS D 98 14.10 4.18 20.34
CA HIS D 98 12.71 4.41 20.72
C HIS D 98 12.46 3.92 22.14
N PHE D 99 11.77 4.71 22.94
CA PHE D 99 11.48 4.33 24.33
C PHE D 99 9.97 4.27 24.56
N ASP D 100 9.49 3.20 25.19
CA ASP D 100 8.06 2.97 25.43
C ASP D 100 7.52 3.89 26.53
N ASP D 101 6.58 4.76 26.17
CA ASP D 101 6.14 5.79 27.08
C ASP D 101 4.89 5.41 27.86
N ASP D 102 4.44 4.17 27.77
CA ASP D 102 3.55 3.63 28.78
C ASP D 102 4.34 3.10 29.98
N GLU D 103 5.67 3.02 29.89
CA GLU D 103 6.55 2.76 31.03
C GLU D 103 6.78 4.05 31.80
N THR D 104 7.49 3.95 32.92
CA THR D 104 7.84 5.13 33.70
C THR D 104 9.34 5.31 33.76
N TRP D 105 9.78 6.45 33.22
CA TRP D 105 11.19 6.82 33.13
C TRP D 105 11.51 7.81 34.24
N THR D 106 12.61 7.57 34.96
CA THR D 106 13.03 8.42 36.07
C THR D 106 14.52 8.63 36.01
N SER D 107 14.99 9.61 36.76
CA SER D 107 16.44 9.75 36.93
C SER D 107 16.93 9.09 38.20
N SER D 108 16.02 8.51 38.98
CA SER D 108 16.33 7.84 40.23
C SER D 108 15.96 6.36 40.06
N SER D 109 15.39 5.69 41.08
CA SER D 109 15.08 4.27 40.98
C SER D 109 13.60 3.93 40.70
N LYS D 110 12.61 4.78 41.08
CA LYS D 110 11.18 4.43 41.00
C LYS D 110 10.71 4.38 39.54
N GLY D 111 11.09 3.30 38.87
CA GLY D 111 10.76 3.07 37.49
C GLY D 111 12.02 2.71 36.72
N TYR D 112 12.08 3.03 35.44
CA TYR D 112 13.29 2.77 34.67
C TYR D 112 14.22 3.97 34.68
N ASN D 113 15.47 3.70 35.02
CA ASN D 113 16.48 4.75 35.03
C ASN D 113 16.80 5.03 33.57
N LEU D 114 16.48 6.25 33.14
CA LEU D 114 16.55 6.58 31.71
C LEU D 114 17.99 6.50 31.20
N PHE D 115 18.94 6.96 32.01
CA PHE D 115 20.34 6.91 31.61
C PHE D 115 20.76 5.50 31.24
N LEU D 116 20.58 4.54 32.16
CA LEU D 116 21.03 3.18 31.88
C LEU D 116 20.35 2.61 30.65
N VAL D 117 19.04 2.77 30.56
CA VAL D 117 18.35 2.13 29.45
C VAL D 117 18.82 2.74 28.13
N ALA D 118 19.04 4.07 28.11
CA ALA D 118 19.52 4.71 26.90
C ALA D 118 20.94 4.26 26.55
N ALA D 119 21.85 4.32 27.53
CA ALA D 119 23.22 3.85 27.31
C ALA D 119 23.23 2.46 26.71
N HIS D 120 22.43 1.55 27.27
CA HIS D 120 22.28 0.23 26.69
C HIS D 120 21.84 0.33 25.24
N GLU D 121 20.73 1.02 25.01
CA GLU D 121 20.14 1.05 23.68
C GLU D 121 21.05 1.75 22.68
N PHE D 122 21.76 2.80 23.10
CA PHE D 122 22.72 3.44 22.19
C PHE D 122 23.87 2.49 21.83
N GLY D 123 24.28 1.62 22.73
CA GLY D 123 25.22 0.58 22.36
C GLY D 123 24.75 -0.21 21.15
N HIS D 124 23.45 -0.53 21.09
CA HIS D 124 22.91 -1.16 19.89
C HIS D 124 23.00 -0.21 18.70
N SER D 125 22.76 1.08 18.93
CA SER D 125 22.80 2.07 17.85
C SER D 125 24.20 2.16 17.25
N LEU D 126 25.22 1.81 18.02
CA LEU D 126 26.59 1.87 17.55
C LEU D 126 27.05 0.54 17.00
N GLY D 127 26.23 -0.50 17.11
CA GLY D 127 26.54 -1.80 16.54
C GLY D 127 26.87 -2.91 17.52
N LEU D 128 26.61 -2.71 18.81
CA LEU D 128 26.84 -3.76 19.81
C LEU D 128 25.63 -4.68 20.00
N ASP D 129 25.92 -5.97 20.23
CA ASP D 129 24.93 -6.99 20.54
C ASP D 129 24.82 -7.16 22.05
N HIS D 130 23.96 -8.09 22.47
CA HIS D 130 23.85 -8.43 23.87
C HIS D 130 24.98 -9.37 24.24
N SER D 131 25.45 -9.26 25.48
CA SER D 131 26.54 -10.12 25.95
C SER D 131 26.00 -11.21 26.85
N LYS D 132 26.78 -12.27 27.00
CA LYS D 132 26.44 -13.35 27.90
C LYS D 132 26.95 -13.09 29.32
N ASP D 133 27.73 -12.02 29.53
CA ASP D 133 28.30 -11.64 30.83
C ASP D 133 27.27 -10.87 31.63
N PRO D 134 26.74 -11.43 32.74
CA PRO D 134 25.69 -10.73 33.49
C PRO D 134 26.10 -9.39 34.06
N GLY D 135 27.38 -9.08 34.15
CA GLY D 135 27.71 -7.79 34.72
C GLY D 135 27.88 -6.67 33.74
N ALA D 136 27.79 -6.95 32.44
CA ALA D 136 27.95 -5.93 31.42
C ALA D 136 26.71 -5.04 31.31
N LEU D 137 26.92 -3.84 30.76
CA LEU D 137 25.80 -2.98 30.44
C LEU D 137 25.03 -3.52 29.25
N MET D 138 25.70 -4.24 28.35
CA MET D 138 25.02 -4.83 27.21
C MET D 138 24.40 -6.20 27.52
N PHE D 139 24.23 -6.51 28.80
CA PHE D 139 23.50 -7.71 29.21
C PHE D 139 21.99 -7.50 29.02
N PRO D 140 21.24 -8.53 28.59
CA PRO D 140 19.85 -8.33 28.18
C PRO D 140 18.86 -8.08 29.31
N ILE D 141 19.25 -8.07 30.57
CA ILE D 141 18.32 -7.94 31.69
C ILE D 141 18.57 -6.64 32.40
N TYR D 142 17.52 -5.83 32.57
CA TYR D 142 17.65 -4.58 33.29
C TYR D 142 17.76 -4.85 34.78
N THR D 143 18.75 -4.24 35.40
CA THR D 143 18.93 -4.22 36.84
C THR D 143 19.45 -2.84 37.19
N TYR D 144 19.20 -2.38 38.41
CA TYR D 144 19.70 -1.06 38.80
C TYR D 144 20.61 -1.19 40.00
N THR D 145 21.90 -1.28 39.75
CA THR D 145 22.89 -1.41 40.81
C THR D 145 22.87 -0.18 41.70
N GLY D 146 22.88 1.00 41.09
CA GLY D 146 22.86 2.24 41.82
C GLY D 146 23.92 2.33 42.89
N LYS D 147 25.18 2.34 42.47
CA LYS D 147 26.30 2.42 43.40
C LYS D 147 27.22 3.56 43.01
N SER D 148 27.00 4.73 43.62
CA SER D 148 27.81 5.91 43.34
C SER D 148 27.94 6.20 41.86
N HIS D 149 29.17 6.46 41.39
CA HIS D 149 29.39 6.75 39.97
C HIS D 149 29.33 5.50 39.10
N PHE D 150 29.27 5.72 37.79
CA PHE D 150 29.15 4.61 36.84
C PHE D 150 30.42 4.28 36.07
N MET D 151 30.84 3.01 36.18
CA MET D 151 32.00 2.49 35.48
C MET D 151 31.53 1.49 34.43
N LEU D 152 31.70 1.85 33.16
CA LEU D 152 31.38 0.96 32.05
C LEU D 152 32.18 -0.33 32.17
N PRO D 153 31.52 -1.48 32.27
CA PRO D 153 32.25 -2.75 32.46
C PRO D 153 33.21 -3.02 31.32
N ASP D 154 34.23 -3.83 31.60
CA ASP D 154 35.27 -4.05 30.61
C ASP D 154 34.73 -4.78 29.39
N ASP D 155 33.73 -5.67 29.59
CA ASP D 155 33.19 -6.42 28.47
C ASP D 155 32.62 -5.51 27.40
N ASP D 156 32.07 -4.37 27.82
CA ASP D 156 31.47 -3.43 26.87
C ASP D 156 32.51 -2.55 26.22
N VAL D 157 33.58 -2.21 26.95
CA VAL D 157 34.67 -1.46 26.33
C VAL D 157 35.31 -2.31 25.24
N GLN D 158 35.74 -3.53 25.61
CA GLN D 158 36.17 -4.54 24.67
C GLN D 158 35.32 -4.52 23.42
N GLY D 159 34.00 -4.47 23.60
CA GLY D 159 33.09 -4.62 22.47
C GLY D 159 33.03 -3.38 21.59
N ILE D 160 32.89 -2.21 22.21
CA ILE D 160 32.82 -1.01 21.41
C ILE D 160 34.17 -0.68 20.81
N GLN D 161 35.26 -1.06 21.51
CA GLN D 161 36.57 -0.77 20.95
C GLN D 161 36.94 -1.69 19.81
N SER D 162 36.48 -2.95 19.83
CA SER D 162 36.75 -3.83 18.69
C SER D 162 36.16 -3.28 17.40
N LEU D 163 35.11 -2.46 17.50
CA LEU D 163 34.55 -1.82 16.32
C LEU D 163 35.19 -0.48 16.01
N TYR D 164 35.43 0.37 17.03
CA TYR D 164 35.83 1.75 16.82
C TYR D 164 37.23 2.13 17.31
N GLY D 165 37.87 1.30 18.13
CA GLY D 165 39.20 1.61 18.61
C GLY D 165 39.19 2.55 19.80
N PRO D 166 40.37 2.85 20.36
CA PRO D 166 40.41 3.71 21.55
C PRO D 166 40.41 5.18 21.20
N GLY D 167 40.80 6.06 22.13
CA GLY D 167 40.85 7.48 21.79
C GLY D 167 41.59 8.34 22.80
N MET E 1 16.42 -5.16 0.47
CA MET E 1 15.09 -4.89 -0.06
C MET E 1 14.17 -5.30 1.13
N TYR E 2 13.00 -4.67 1.29
CA TYR E 2 11.96 -5.00 2.31
C TYR E 2 12.48 -4.95 3.75
N ASN E 3 12.80 -3.72 4.20
CA ASN E 3 13.52 -3.55 5.46
C ASN E 3 12.68 -3.97 6.67
N VAL E 4 13.33 -4.66 7.61
CA VAL E 4 12.80 -4.91 8.94
C VAL E 4 13.56 -4.04 9.93
N PHE E 5 12.93 -3.80 11.07
CA PHE E 5 13.56 -3.02 12.11
C PHE E 5 13.47 -3.78 13.46
N PRO E 6 14.60 -4.36 13.93
CA PRO E 6 15.93 -4.41 13.30
C PRO E 6 16.21 -5.65 12.43
N ARG E 7 17.17 -5.52 11.52
CA ARG E 7 17.70 -6.63 10.71
C ARG E 7 18.81 -7.38 11.45
N THR E 8 19.08 -8.59 10.97
CA THR E 8 20.28 -9.33 11.36
C THR E 8 20.89 -9.95 10.10
N LEU E 9 22.18 -10.30 10.21
CA LEU E 9 22.88 -10.92 9.10
C LEU E 9 22.24 -12.26 8.75
N LYS E 10 22.38 -13.22 9.68
CA LYS E 10 21.86 -14.58 9.57
C LYS E 10 21.15 -14.93 10.86
N TRP E 11 20.41 -16.05 10.85
CA TRP E 11 19.79 -16.53 12.09
C TRP E 11 20.85 -17.19 12.98
N SER E 12 20.81 -16.88 14.28
CA SER E 12 21.84 -17.44 15.15
C SER E 12 21.55 -18.87 15.56
N LYS E 13 20.28 -19.28 15.70
CA LYS E 13 20.01 -20.70 15.95
C LYS E 13 19.73 -21.41 14.62
N MET E 14 20.06 -22.70 14.58
CA MET E 14 19.95 -23.49 13.35
C MET E 14 18.68 -24.31 13.28
N ASN E 15 17.90 -24.36 14.37
CA ASN E 15 16.62 -25.04 14.41
C ASN E 15 15.57 -23.95 14.38
N LEU E 16 14.92 -23.79 13.24
CA LEU E 16 13.95 -22.72 13.07
C LEU E 16 12.55 -23.32 12.96
N THR E 17 11.56 -22.49 13.25
CA THR E 17 10.17 -22.89 13.22
C THR E 17 9.41 -22.00 12.23
N TYR E 18 8.50 -22.60 11.46
CA TYR E 18 7.59 -21.83 10.62
C TYR E 18 6.15 -22.20 10.96
N ARG E 19 5.23 -21.27 10.70
CA ARG E 19 3.80 -21.47 10.92
C ARG E 19 3.02 -20.90 9.74
N ILE E 20 2.02 -21.64 9.28
CA ILE E 20 1.12 -21.17 8.22
C ILE E 20 -0.12 -20.55 8.87
N VAL E 21 -0.25 -19.22 8.82
CA VAL E 21 -1.32 -18.55 9.57
C VAL E 21 -2.67 -18.64 8.86
N ASN E 22 -2.71 -18.37 7.55
CA ASN E 22 -3.94 -18.40 6.77
C ASN E 22 -3.68 -19.24 5.51
N TYR E 23 -4.74 -19.72 4.87
CA TYR E 23 -4.55 -20.50 3.66
C TYR E 23 -5.27 -19.85 2.48
N THR E 24 -4.72 -20.04 1.28
CA THR E 24 -5.30 -19.52 0.04
C THR E 24 -6.46 -20.40 -0.39
N PRO E 25 -7.52 -19.83 -0.96
CA PRO E 25 -8.61 -20.69 -1.46
C PRO E 25 -8.21 -21.48 -2.69
N ASP E 26 -7.14 -21.08 -3.36
CA ASP E 26 -6.74 -21.63 -4.64
C ASP E 26 -6.20 -23.06 -4.53
N MET E 27 -5.88 -23.54 -3.32
CA MET E 27 -5.24 -24.83 -3.09
C MET E 27 -5.68 -25.40 -1.75
N THR E 28 -5.56 -26.72 -1.62
CA THR E 28 -5.98 -27.45 -0.44
C THR E 28 -4.92 -27.39 0.65
N HIS E 29 -5.34 -27.54 1.91
CA HIS E 29 -4.37 -27.48 3.00
C HIS E 29 -3.20 -28.43 2.75
N SER E 30 -3.50 -29.65 2.29
CA SER E 30 -2.45 -30.65 2.10
C SER E 30 -1.49 -30.27 0.97
N GLU E 31 -2.02 -29.70 -0.12
CA GLU E 31 -1.18 -29.24 -1.22
C GLU E 31 -0.29 -28.07 -0.80
N VAL E 32 -0.85 -27.14 -0.03
CA VAL E 32 -0.07 -25.98 0.42
C VAL E 32 1.07 -26.44 1.30
N GLU E 33 0.73 -27.16 2.35
CA GLU E 33 1.72 -27.63 3.30
C GLU E 33 2.81 -28.46 2.63
N LYS E 34 2.46 -29.16 1.54
CA LYS E 34 3.46 -29.84 0.74
C LYS E 34 4.48 -28.84 0.22
N ALA E 35 4.03 -27.89 -0.61
CA ALA E 35 4.93 -26.93 -1.23
C ALA E 35 5.82 -26.21 -0.21
N PHE E 36 5.24 -25.76 0.90
CA PHE E 36 6.04 -25.07 1.91
C PHE E 36 7.04 -26.02 2.55
N LYS E 37 6.65 -27.28 2.82
CA LYS E 37 7.60 -28.24 3.37
C LYS E 37 8.73 -28.51 2.38
N LYS E 38 8.36 -28.76 1.11
CA LYS E 38 9.37 -28.95 0.06
C LYS E 38 10.23 -27.72 -0.13
N ALA E 39 9.67 -26.52 0.10
CA ALA E 39 10.42 -25.30 -0.13
C ALA E 39 11.53 -25.15 0.89
N PHE E 40 11.23 -25.38 2.17
CA PHE E 40 12.31 -25.39 3.15
C PHE E 40 13.26 -26.55 2.89
N LYS E 41 12.74 -27.67 2.36
CA LYS E 41 13.58 -28.81 2.04
C LYS E 41 14.72 -28.39 1.12
N VAL E 42 14.45 -27.45 0.23
CA VAL E 42 15.47 -26.96 -0.70
C VAL E 42 16.72 -26.53 0.05
N TRP E 43 16.53 -25.73 1.10
CA TRP E 43 17.65 -25.15 1.84
C TRP E 43 18.16 -26.06 2.93
N SER E 44 17.30 -26.83 3.57
CA SER E 44 17.73 -27.75 4.61
C SER E 44 18.68 -28.83 4.06
N ASP E 45 18.48 -29.27 2.81
CA ASP E 45 19.30 -30.34 2.24
C ASP E 45 20.75 -29.93 2.08
N VAL E 46 21.04 -28.63 2.05
CA VAL E 46 22.38 -28.13 1.75
C VAL E 46 23.02 -27.41 2.93
N THR E 47 22.36 -27.33 4.09
CA THR E 47 22.89 -26.62 5.26
C THR E 47 22.58 -27.39 6.55
N PRO E 48 23.17 -26.99 7.68
CA PRO E 48 22.75 -27.56 8.98
C PRO E 48 21.38 -27.10 9.48
N LEU E 49 20.71 -26.21 8.74
CA LEU E 49 19.41 -25.70 9.16
C LEU E 49 18.34 -26.78 9.08
N ASN E 50 17.42 -26.74 10.05
CA ASN E 50 16.28 -27.64 10.18
C ASN E 50 15.01 -26.82 10.35
N PHE E 51 13.93 -27.28 9.73
CA PHE E 51 12.68 -26.54 9.77
C PHE E 51 11.57 -27.44 10.26
N THR E 52 10.86 -27.01 11.31
CA THR E 52 9.73 -27.74 11.85
C THR E 52 8.53 -26.80 11.96
N ARG E 53 7.36 -27.33 11.64
CA ARG E 53 6.14 -26.54 11.49
C ARG E 53 5.36 -26.48 12.78
N LEU E 54 4.83 -25.31 13.09
CA LEU E 54 3.93 -25.16 14.21
C LEU E 54 2.51 -24.98 13.70
N HIS E 55 1.55 -25.63 14.39
CA HIS E 55 0.17 -25.40 14.06
C HIS E 55 -0.38 -24.17 14.77
N ASP E 56 0.23 -23.77 15.87
CA ASP E 56 -0.29 -22.68 16.68
C ASP E 56 0.88 -21.93 17.30
N GLY E 57 0.58 -20.78 17.88
CA GLY E 57 1.59 -20.02 18.59
C GLY E 57 2.44 -19.18 17.65
N ILE E 58 3.55 -18.66 18.22
CA ILE E 58 4.44 -17.73 17.53
C ILE E 58 5.66 -18.49 17.00
N ALA E 59 5.93 -18.34 15.71
CA ALA E 59 7.05 -19.04 15.07
C ALA E 59 8.02 -18.05 14.43
N ASP E 60 9.20 -18.58 14.06
CA ASP E 60 10.23 -17.76 13.46
C ASP E 60 9.79 -17.20 12.11
N ILE E 61 9.45 -18.08 11.17
CA ILE E 61 9.04 -17.69 9.82
C ILE E 61 7.52 -17.78 9.82
N MET E 62 6.81 -16.64 9.86
CA MET E 62 5.34 -16.70 9.87
C MET E 62 4.76 -16.32 8.51
N ILE E 63 4.15 -17.31 7.88
CA ILE E 63 3.70 -17.27 6.49
C ILE E 63 2.20 -16.95 6.48
N SER E 64 1.79 -16.03 5.62
CA SER E 64 0.36 -15.77 5.51
C SER E 64 0.01 -15.29 4.10
N PHE E 65 -1.24 -15.56 3.74
CA PHE E 65 -1.86 -15.00 2.55
C PHE E 65 -2.71 -13.82 2.97
N GLY E 66 -2.77 -12.82 2.10
CA GLY E 66 -3.54 -11.62 2.39
C GLY E 66 -3.66 -10.84 1.11
N ILE E 67 -4.47 -9.79 1.17
CA ILE E 67 -4.71 -8.98 -0.01
C ILE E 67 -4.57 -7.53 0.40
N LYS E 68 -4.31 -6.70 -0.61
CA LYS E 68 -4.18 -5.25 -0.50
C LYS E 68 -3.48 -4.86 0.79
N GLU E 69 -4.05 -3.99 1.62
CA GLU E 69 -3.34 -3.54 2.81
C GLU E 69 -3.46 -4.60 3.90
N HIS E 70 -2.35 -5.21 4.30
CA HIS E 70 -2.36 -6.35 5.21
C HIS E 70 -1.53 -6.12 6.47
N GLY E 71 -1.09 -4.89 6.73
CA GLY E 71 -0.46 -4.63 8.01
C GLY E 71 1.03 -4.45 7.99
N ASP E 72 1.64 -3.93 6.88
CA ASP E 72 3.09 -3.81 6.90
C ASP E 72 3.80 -2.88 5.93
N PHE E 73 3.37 -1.65 5.63
CA PHE E 73 4.24 -0.83 4.77
C PHE E 73 4.48 -1.28 3.33
N TYR E 74 4.29 -2.56 3.03
CA TYR E 74 4.43 -3.12 1.68
C TYR E 74 3.11 -3.72 1.22
N PRO E 75 2.08 -2.90 1.02
CA PRO E 75 0.78 -3.43 0.65
C PRO E 75 0.81 -4.07 -0.72
N PHE E 76 -0.12 -4.98 -0.92
CA PHE E 76 -0.33 -5.58 -2.23
C PHE E 76 -1.25 -4.70 -3.06
N ASP E 77 -1.38 -5.08 -4.33
CA ASP E 77 -1.98 -4.26 -5.38
C ASP E 77 -3.14 -4.96 -6.09
N GLY E 78 -3.68 -6.03 -5.54
CA GLY E 78 -4.68 -6.77 -6.29
C GLY E 78 -4.01 -7.61 -7.35
N PRO E 79 -4.79 -8.11 -8.32
CA PRO E 79 -4.27 -9.13 -9.24
C PRO E 79 -3.18 -8.59 -10.16
N SER E 80 -2.23 -9.47 -10.47
CA SER E 80 -1.02 -9.18 -11.24
C SER E 80 -0.11 -8.20 -10.52
N GLY E 81 0.98 -7.81 -11.17
CA GLY E 81 1.93 -6.90 -10.57
C GLY E 81 2.66 -7.64 -9.48
N LEU E 82 2.73 -7.05 -8.29
CA LEU E 82 3.40 -7.68 -7.16
C LEU E 82 2.69 -8.97 -6.75
N LEU E 83 3.46 -9.94 -6.29
CA LEU E 83 2.91 -11.24 -5.88
C LEU E 83 3.29 -11.69 -4.47
N ALA E 84 4.56 -11.57 -4.07
CA ALA E 84 4.94 -11.99 -2.72
C ALA E 84 6.12 -11.18 -2.25
N HIS E 85 6.39 -11.26 -0.94
CA HIS E 85 7.63 -10.73 -0.40
C HIS E 85 7.93 -11.40 0.93
N ALA E 86 9.19 -11.34 1.35
CA ALA E 86 9.60 -11.92 2.62
C ALA E 86 10.68 -11.04 3.23
N PHE E 87 10.75 -11.02 4.58
CA PHE E 87 11.61 -10.11 5.34
C PHE E 87 12.95 -10.74 5.70
N PRO E 88 14.00 -9.94 5.81
CA PRO E 88 15.30 -10.48 6.20
C PRO E 88 15.26 -10.97 7.63
N PRO E 89 16.25 -11.75 8.05
CA PRO E 89 16.25 -12.29 9.41
C PRO E 89 16.13 -11.21 10.48
N GLY E 90 15.51 -11.58 11.59
CA GLY E 90 15.27 -10.65 12.67
C GLY E 90 14.06 -11.02 13.52
N PRO E 91 13.85 -10.28 14.59
CA PRO E 91 12.70 -10.55 15.46
C PRO E 91 11.45 -9.92 14.85
N ASN E 92 10.30 -10.43 15.30
CA ASN E 92 8.97 -9.97 14.88
C ASN E 92 8.78 -10.25 13.39
N TYR E 93 8.50 -9.25 12.56
CA TYR E 93 8.32 -9.46 11.12
C TYR E 93 9.51 -10.12 10.47
N GLY E 94 10.68 -10.08 11.11
CA GLY E 94 11.88 -10.68 10.54
C GLY E 94 11.67 -12.13 10.17
N GLY E 95 11.96 -12.47 8.93
CA GLY E 95 11.78 -13.80 8.44
C GLY E 95 10.41 -14.10 7.87
N ASP E 96 9.40 -13.30 8.19
CA ASP E 96 8.04 -13.61 7.76
C ASP E 96 7.93 -13.53 6.25
N ALA E 97 6.94 -14.21 5.69
CA ALA E 97 6.71 -14.27 4.25
C ALA E 97 5.25 -14.01 3.93
N HIS E 98 4.97 -13.12 2.98
CA HIS E 98 3.61 -12.71 2.64
C HIS E 98 3.30 -13.00 1.17
N PHE E 99 2.14 -13.59 0.90
CA PHE E 99 1.72 -13.98 -0.44
C PHE E 99 0.42 -13.30 -0.82
N ASP E 100 0.42 -12.61 -1.97
CA ASP E 100 -0.73 -11.83 -2.40
C ASP E 100 -1.81 -12.78 -2.87
N ASP E 101 -2.93 -12.79 -2.15
CA ASP E 101 -3.94 -13.78 -2.42
C ASP E 101 -5.00 -13.26 -3.36
N ASP E 102 -4.76 -12.10 -3.96
CA ASP E 102 -5.41 -11.75 -5.22
C ASP E 102 -4.67 -12.35 -6.42
N GLU E 103 -3.54 -13.01 -6.21
CA GLU E 103 -2.96 -13.83 -7.26
C GLU E 103 -3.61 -15.22 -7.31
N THR E 104 -3.11 -16.06 -8.22
CA THR E 104 -3.53 -17.45 -8.34
C THR E 104 -2.34 -18.36 -8.07
N TRP E 105 -2.40 -19.12 -6.97
CA TRP E 105 -1.32 -19.99 -6.54
C TRP E 105 -1.61 -21.43 -6.91
N THR E 106 -0.63 -22.11 -7.49
CA THR E 106 -0.83 -23.44 -8.00
C THR E 106 0.34 -24.31 -7.58
N SER E 107 0.16 -25.61 -7.72
CA SER E 107 1.23 -26.58 -7.66
C SER E 107 1.64 -27.03 -9.05
N SER E 108 1.16 -26.34 -10.08
CA SER E 108 1.45 -26.64 -11.47
C SER E 108 2.12 -25.43 -12.11
N SER E 109 1.99 -25.28 -13.42
CA SER E 109 2.58 -24.16 -14.14
C SER E 109 1.61 -23.01 -14.43
N LYS E 110 0.33 -23.14 -14.07
CA LYS E 110 -0.69 -22.32 -14.74
C LYS E 110 -0.83 -20.92 -14.13
N GLY E 111 -0.53 -20.75 -12.84
CA GLY E 111 -0.52 -19.45 -12.22
C GLY E 111 0.88 -19.20 -11.74
N TYR E 112 1.07 -18.57 -10.59
CA TYR E 112 2.39 -18.51 -10.01
C TYR E 112 2.51 -19.76 -9.15
N ASN E 113 3.54 -20.57 -9.42
CA ASN E 113 3.73 -21.84 -8.72
C ASN E 113 4.18 -21.60 -7.28
N LEU E 114 3.35 -22.02 -6.33
CA LEU E 114 3.57 -21.66 -4.93
C LEU E 114 4.89 -22.23 -4.42
N PHE E 115 5.28 -23.41 -4.89
CA PHE E 115 6.56 -23.96 -4.44
C PHE E 115 7.71 -23.02 -4.78
N LEU E 116 7.86 -22.68 -6.07
CA LEU E 116 8.97 -21.81 -6.49
C LEU E 116 8.97 -20.48 -5.75
N VAL E 117 7.82 -19.81 -5.69
CA VAL E 117 7.77 -18.49 -5.08
C VAL E 117 8.14 -18.59 -3.61
N ALA E 118 7.75 -19.66 -2.95
CA ALA E 118 8.11 -19.85 -1.54
C ALA E 118 9.60 -20.12 -1.38
N ALA E 119 10.13 -21.05 -2.18
CA ALA E 119 11.56 -21.32 -2.12
C ALA E 119 12.35 -20.05 -2.28
N HIS E 120 11.99 -19.24 -3.29
CA HIS E 120 12.67 -17.97 -3.51
C HIS E 120 12.57 -17.09 -2.26
N GLU E 121 11.34 -16.75 -1.86
CA GLU E 121 11.17 -15.77 -0.80
C GLU E 121 11.79 -16.26 0.50
N PHE E 122 11.76 -17.56 0.76
CA PHE E 122 12.38 -18.11 1.97
C PHE E 122 13.89 -17.90 1.96
N GLY E 123 14.50 -17.86 0.76
CA GLY E 123 15.88 -17.44 0.68
C GLY E 123 16.11 -16.08 1.31
N HIS E 124 15.22 -15.13 1.02
CA HIS E 124 15.30 -13.81 1.64
C HIS E 124 15.10 -13.90 3.16
N SER E 125 14.22 -14.81 3.61
CA SER E 125 13.99 -15.03 5.05
C SER E 125 15.22 -15.57 5.75
N LEU E 126 16.11 -16.24 5.04
CA LEU E 126 17.34 -16.74 5.62
C LEU E 126 18.48 -15.76 5.50
N GLY E 127 18.32 -14.67 4.75
CA GLY E 127 19.35 -13.66 4.59
C GLY E 127 19.99 -13.52 3.22
N LEU E 128 19.45 -14.17 2.18
CA LEU E 128 19.97 -14.02 0.83
C LEU E 128 19.26 -12.90 0.09
N ASP E 129 20.02 -12.15 -0.70
CA ASP E 129 19.51 -11.11 -1.56
C ASP E 129 19.36 -11.70 -2.97
N HIS E 130 18.95 -10.87 -3.94
CA HIS E 130 18.77 -11.38 -5.29
C HIS E 130 20.11 -11.64 -5.98
N SER E 131 20.13 -12.65 -6.84
CA SER E 131 21.32 -13.06 -7.56
C SER E 131 21.25 -12.54 -8.99
N LYS E 132 22.42 -12.37 -9.62
CA LYS E 132 22.48 -11.94 -11.01
C LYS E 132 22.46 -13.09 -12.02
N ASP E 133 22.55 -14.35 -11.56
CA ASP E 133 22.59 -15.54 -12.41
C ASP E 133 21.18 -15.96 -12.82
N PRO E 134 20.81 -15.82 -14.10
CA PRO E 134 19.42 -16.12 -14.52
C PRO E 134 18.95 -17.55 -14.27
N GLY E 135 19.85 -18.49 -14.05
CA GLY E 135 19.43 -19.83 -13.74
C GLY E 135 19.33 -20.08 -12.27
N ALA E 136 19.67 -19.09 -11.45
CA ALA E 136 19.59 -19.22 -10.01
C ALA E 136 18.13 -19.22 -9.53
N LEU E 137 17.95 -19.73 -8.31
CA LEU E 137 16.67 -19.59 -7.66
C LEU E 137 16.47 -18.16 -7.18
N MET E 138 17.55 -17.48 -6.80
CA MET E 138 17.45 -16.13 -6.26
C MET E 138 17.46 -15.06 -7.35
N PHE E 139 17.20 -15.43 -8.58
CA PHE E 139 17.07 -14.44 -9.64
C PHE E 139 15.75 -13.70 -9.47
N PRO E 140 15.72 -12.37 -9.56
CA PRO E 140 14.52 -11.62 -9.17
C PRO E 140 13.35 -11.67 -10.15
N ILE E 141 13.43 -12.42 -11.24
CA ILE E 141 12.37 -12.46 -12.23
C ILE E 141 11.80 -13.87 -12.27
N TYR E 142 10.49 -14.00 -12.05
CA TYR E 142 9.89 -15.32 -12.02
C TYR E 142 9.74 -15.84 -13.45
N THR E 143 10.15 -17.11 -13.63
CA THR E 143 9.96 -17.95 -14.81
C THR E 143 9.66 -19.38 -14.34
N TYR E 144 9.01 -20.19 -15.18
CA TYR E 144 8.72 -21.58 -14.81
C TYR E 144 9.10 -22.53 -15.94
N THR E 145 10.08 -23.41 -15.68
CA THR E 145 10.52 -24.42 -16.67
C THR E 145 9.93 -25.82 -16.45
N GLY E 146 9.50 -26.17 -15.24
CA GLY E 146 8.89 -27.47 -14.95
C GLY E 146 9.73 -28.73 -15.07
N LYS E 147 11.02 -28.68 -14.73
CA LYS E 147 11.82 -29.90 -14.61
C LYS E 147 11.47 -30.59 -13.28
N SER E 148 10.74 -31.72 -13.35
CA SER E 148 10.24 -32.37 -12.14
C SER E 148 11.36 -32.74 -11.17
N HIS E 149 12.57 -32.98 -11.68
CA HIS E 149 13.76 -33.14 -10.84
C HIS E 149 14.29 -31.74 -10.50
N PHE E 150 13.78 -31.12 -9.43
CA PHE E 150 14.28 -29.80 -9.03
C PHE E 150 15.55 -29.99 -8.19
N MET E 151 16.68 -29.60 -8.78
CA MET E 151 17.94 -29.46 -8.05
C MET E 151 18.16 -27.99 -7.76
N LEU E 152 18.75 -27.71 -6.62
CA LEU E 152 19.05 -26.34 -6.22
C LEU E 152 20.28 -25.83 -6.98
N PRO E 153 20.16 -24.76 -7.78
CA PRO E 153 21.31 -24.34 -8.60
C PRO E 153 22.54 -23.99 -7.78
N ASP E 154 23.67 -24.07 -8.49
CA ASP E 154 25.00 -24.04 -7.90
C ASP E 154 25.30 -22.70 -7.24
N ASP E 155 24.78 -21.62 -7.84
CA ASP E 155 24.96 -20.27 -7.28
C ASP E 155 24.22 -20.10 -5.95
N ASP E 156 23.04 -20.70 -5.83
CA ASP E 156 22.21 -20.54 -4.65
C ASP E 156 22.74 -21.36 -3.50
N VAL E 157 23.36 -22.51 -3.81
CA VAL E 157 24.07 -23.25 -2.78
C VAL E 157 25.23 -22.41 -2.24
N GLN E 158 26.16 -22.00 -3.11
CA GLN E 158 27.31 -21.23 -2.65
C GLN E 158 26.90 -20.03 -1.81
N GLY E 159 25.73 -19.47 -2.08
CA GLY E 159 25.24 -18.33 -1.33
C GLY E 159 24.72 -18.68 0.05
N ILE E 160 23.82 -19.66 0.15
CA ILE E 160 23.27 -20.06 1.45
C ILE E 160 24.37 -20.69 2.29
N GLN E 161 25.35 -21.32 1.62
CA GLN E 161 26.47 -21.98 2.28
C GLN E 161 27.38 -20.97 2.94
N SER E 162 27.56 -19.80 2.32
CA SER E 162 28.44 -18.79 2.87
C SER E 162 28.01 -18.32 4.26
N LEU E 163 26.72 -18.37 4.57
CA LEU E 163 26.22 -17.94 5.87
C LEU E 163 26.20 -19.05 6.92
N TYR E 164 25.80 -20.27 6.54
CA TYR E 164 25.52 -21.31 7.52
C TYR E 164 26.40 -22.55 7.47
N GLY E 165 27.15 -22.78 6.38
CA GLY E 165 27.95 -23.99 6.25
C GLY E 165 27.18 -25.15 5.65
N PRO E 166 27.86 -26.31 5.45
CA PRO E 166 27.20 -27.45 4.79
C PRO E 166 26.48 -28.46 5.70
N GLY E 167 26.15 -29.63 5.13
CA GLY E 167 25.56 -30.72 5.89
C GLY E 167 25.57 -32.06 5.17
#